data_8COU
#
_entry.id   8COU
#
_cell.length_a   70.924
_cell.length_b   64.631
_cell.length_c   84.390
_cell.angle_alpha   90.00
_cell.angle_beta   106.35
_cell.angle_gamma   90.00
#
_symmetry.space_group_name_H-M   'P 1 21 1'
#
loop_
_entity.id
_entity.type
_entity.pdbx_description
1 polymer '3-oxoacyl-[acyl-carrier-protein] synthase 2'
2 non-polymer 'DIMETHYL SULFOXIDE'
3 non-polymer 'FORMIC ACID'
4 non-polymer '3-acetamido-4-methoxy-benzoic acid'
5 non-polymer 'PHOSPHATE ION'
6 water water
#
_entity_poly.entity_id   1
_entity_poly.type   'polypeptide(L)'
_entity_poly.pdbx_seq_one_letter_code
;MSRRRVVITGMGMLSPLGLDVPSSWEGILAGRSGIAPIEHMDLSAYSTRFGGSVKGFNVEEYLSAKEARKLDLFIQYGLA
ASFQAVRDSGLEVTDANRERIGVSMGSGIGGLTNIENNCRSLFEQGPRRISPFFVPGSIINMVSGFLSIHLGLQGPNYAL
TTAQTTGTHSIGMAARNIAYGEADVMVAGGSEMAACGLGLGGFGAARALSTRNDEPTRASRPWDRDRDGFVLSDGSGALV
LEELEHARARGARIYAELVGFGMSGDAFHMTAPPEDGAGAARCMKNALRDAGLDPRQVDYINAHGTSTPAGDIAEIAAVK
SVFGEHAHALSMSSTKSMTGHLLGAAGAVEAIFSVLALRDQVAPPTINLDNPDEGCDLDLVAHEAKPRKIDVALSNSFGF
GGTNGTLVFRRFA
;
_entity_poly.pdbx_strand_id   A,B
#
# COMPACT_ATOMS: atom_id res chain seq x y z
N MET A 1 -17.60 13.07 12.79
CA MET A 1 -18.99 12.55 12.55
C MET A 1 -19.10 11.06 12.94
N SER A 2 -20.31 10.65 13.35
CA SER A 2 -20.71 9.24 13.71
C SER A 2 -20.44 8.29 12.54
N ARG A 3 -20.25 7.00 12.85
CA ARG A 3 -19.91 5.94 11.85
C ARG A 3 -21.08 5.78 10.87
N ARG A 4 -20.84 6.05 9.60
CA ARG A 4 -21.88 5.93 8.53
C ARG A 4 -21.88 4.53 7.92
N ARG A 5 -23.00 4.17 7.34
CA ARG A 5 -23.17 2.88 6.61
C ARG A 5 -22.62 3.03 5.19
N VAL A 6 -22.13 1.92 4.65
CA VAL A 6 -21.44 1.84 3.33
C VAL A 6 -22.09 0.78 2.46
N VAL A 7 -22.45 1.16 1.25
CA VAL A 7 -23.07 0.21 0.29
C VAL A 7 -22.25 0.15 -0.99
N ILE A 8 -22.51 -0.87 -1.78
CA ILE A 8 -21.82 -1.15 -3.06
C ILE A 8 -22.80 -0.77 -4.15
N THR A 9 -22.41 0.16 -5.01
CA THR A 9 -23.28 0.75 -6.06
C THR A 9 -22.67 0.52 -7.45
N GLY A 10 -21.47 -0.06 -7.55
CA GLY A 10 -20.80 -0.24 -8.84
C GLY A 10 -19.73 -1.30 -8.73
N MET A 11 -19.60 -2.16 -9.72
CA MET A 11 -18.55 -3.20 -9.74
C MET A 11 -17.99 -3.35 -11.15
N GLY A 12 -16.73 -3.78 -11.20
CA GLY A 12 -16.04 -3.97 -12.48
C GLY A 12 -14.96 -4.98 -12.31
N MET A 13 -14.62 -5.67 -13.39
CA MET A 13 -13.69 -6.82 -13.30
C MET A 13 -13.04 -7.14 -14.64
N LEU A 14 -11.81 -7.61 -14.55
CA LEU A 14 -11.18 -8.48 -15.57
C LEU A 14 -10.72 -9.71 -14.83
N SER A 15 -11.07 -10.87 -15.36
CA SER A 15 -10.64 -12.17 -14.80
C SER A 15 -10.34 -13.14 -15.94
N PRO A 16 -9.74 -14.28 -15.57
CA PRO A 16 -9.57 -15.39 -16.49
C PRO A 16 -10.89 -15.97 -17.02
N LEU A 17 -12.02 -15.58 -16.42
CA LEU A 17 -13.36 -16.04 -16.85
C LEU A 17 -14.05 -14.98 -17.69
N GLY A 18 -13.60 -13.74 -17.71
CA GLY A 18 -14.31 -12.76 -18.55
C GLY A 18 -13.74 -11.35 -18.48
N LEU A 19 -14.17 -10.53 -19.43
CA LEU A 19 -13.69 -9.14 -19.58
C LEU A 19 -14.59 -8.14 -18.86
N ASP A 20 -15.56 -8.65 -18.10
CA ASP A 20 -16.44 -7.82 -17.25
C ASP A 20 -17.06 -8.73 -16.19
N VAL A 21 -17.93 -8.15 -15.36
CA VAL A 21 -18.53 -8.89 -14.21
C VAL A 21 -19.55 -9.91 -14.72
N PRO A 22 -20.55 -9.52 -15.53
N PRO A 22 -20.53 -9.56 -15.58
CA PRO A 22 -21.54 -10.52 -15.95
CA PRO A 22 -21.55 -10.53 -15.99
C PRO A 22 -20.94 -11.74 -16.65
C PRO A 22 -20.94 -11.76 -16.66
N SER A 23 -19.97 -11.55 -17.54
CA SER A 23 -19.27 -12.68 -18.24
C SER A 23 -18.53 -13.57 -17.22
N SER A 24 -17.77 -12.97 -16.32
CA SER A 24 -17.03 -13.68 -15.25
C SER A 24 -18.01 -14.47 -14.39
N TRP A 25 -19.09 -13.84 -13.95
CA TRP A 25 -20.08 -14.46 -13.05
C TRP A 25 -20.78 -15.63 -13.76
N GLU A 26 -21.08 -15.51 -15.05
CA GLU A 26 -21.70 -16.61 -15.85
C GLU A 26 -20.75 -17.82 -15.73
N GLY A 27 -19.45 -17.57 -15.89
CA GLY A 27 -18.43 -18.63 -15.81
C GLY A 27 -18.43 -19.26 -14.43
N ILE A 28 -18.43 -18.41 -13.40
CA ILE A 28 -18.40 -18.86 -11.99
C ILE A 28 -19.59 -19.81 -11.76
N LEU A 29 -20.81 -19.45 -12.17
CA LEU A 29 -21.99 -20.26 -11.84
C LEU A 29 -22.04 -21.52 -12.71
N ALA A 30 -21.34 -21.56 -13.85
CA ALA A 30 -21.35 -22.72 -14.76
C ALA A 30 -20.17 -23.64 -14.40
N GLY A 31 -19.31 -23.25 -13.48
CA GLY A 31 -18.19 -24.11 -13.04
C GLY A 31 -17.11 -24.17 -14.09
N ARG A 32 -16.96 -23.09 -14.83
CA ARG A 32 -15.95 -22.97 -15.92
C ARG A 32 -14.57 -22.73 -15.32
N SER A 33 -13.54 -23.29 -15.93
CA SER A 33 -12.14 -22.99 -15.59
C SER A 33 -11.61 -21.85 -16.48
N GLY A 34 -10.82 -20.93 -15.91
CA GLY A 34 -10.12 -19.90 -16.68
C GLY A 34 -8.67 -20.28 -16.93
N ILE A 35 -8.26 -21.47 -16.56
CA ILE A 35 -6.82 -21.82 -16.50
C ILE A 35 -6.43 -22.55 -17.79
N ALA A 36 -5.28 -22.19 -18.32
CA ALA A 36 -4.79 -22.70 -19.61
C ALA A 36 -3.30 -22.52 -19.71
N PRO A 37 -2.64 -23.32 -20.58
CA PRO A 37 -1.23 -23.12 -20.86
C PRO A 37 -1.05 -21.66 -21.28
N ILE A 38 -0.03 -21.04 -20.73
CA ILE A 38 0.28 -19.60 -20.95
C ILE A 38 0.88 -19.48 -22.36
N GLU A 39 0.41 -18.49 -23.10
CA GLU A 39 0.73 -18.32 -24.54
C GLU A 39 1.69 -17.15 -24.76
N HIS A 40 1.84 -16.23 -23.80
CA HIS A 40 2.46 -14.91 -24.06
C HIS A 40 3.98 -14.94 -23.80
N MET A 41 4.52 -16.07 -23.35
CA MET A 41 5.99 -16.26 -23.23
C MET A 41 6.33 -17.76 -23.33
N ASP A 42 7.59 -18.08 -23.60
CA ASP A 42 8.14 -19.45 -23.69
C ASP A 42 8.50 -19.93 -22.27
N LEU A 43 7.75 -20.89 -21.73
CA LEU A 43 7.93 -21.37 -20.33
C LEU A 43 8.58 -22.75 -20.30
N SER A 44 9.29 -23.16 -21.34
CA SER A 44 9.86 -24.53 -21.37
C SER A 44 10.80 -24.80 -20.18
N ALA A 45 11.46 -23.77 -19.64
CA ALA A 45 12.43 -23.93 -18.54
C ALA A 45 11.73 -23.91 -17.17
N TYR A 46 10.42 -23.65 -17.15
CA TYR A 46 9.66 -23.43 -15.89
C TYR A 46 8.98 -24.72 -15.46
N SER A 47 8.85 -24.94 -14.15
CA SER A 47 8.11 -26.12 -13.64
C SER A 47 6.58 -25.93 -13.68
N THR A 48 6.10 -24.69 -13.87
CA THR A 48 4.67 -24.33 -14.07
C THR A 48 4.52 -23.54 -15.37
N ARG A 49 3.68 -24.01 -16.29
CA ARG A 49 3.58 -23.44 -17.65
C ARG A 49 2.15 -23.03 -17.99
N PHE A 50 1.29 -22.92 -16.98
CA PHE A 50 -0.14 -22.59 -17.15
C PHE A 50 -0.51 -21.58 -16.06
N GLY A 51 -1.66 -20.96 -16.25
CA GLY A 51 -2.22 -20.00 -15.29
C GLY A 51 -3.49 -19.43 -15.84
N GLY A 52 -4.06 -18.49 -15.09
CA GLY A 52 -5.27 -17.77 -15.49
C GLY A 52 -4.93 -16.45 -16.13
N SER A 53 -4.92 -16.39 -17.47
CA SER A 53 -4.68 -15.15 -18.24
C SER A 53 -6.01 -14.45 -18.48
N VAL A 54 -5.96 -13.11 -18.56
CA VAL A 54 -7.09 -12.32 -19.09
C VAL A 54 -7.07 -12.50 -20.60
N LYS A 55 -8.11 -13.07 -21.18
CA LYS A 55 -8.11 -13.48 -22.60
C LYS A 55 -8.82 -12.44 -23.45
N GLY A 56 -8.13 -11.92 -24.47
CA GLY A 56 -8.73 -10.98 -25.43
C GLY A 56 -8.96 -9.59 -24.87
N PHE A 57 -8.21 -9.18 -23.85
CA PHE A 57 -8.32 -7.83 -23.29
C PHE A 57 -7.94 -6.82 -24.37
N ASN A 58 -8.76 -5.80 -24.53
CA ASN A 58 -8.49 -4.74 -25.51
C ASN A 58 -8.45 -3.43 -24.75
N VAL A 59 -7.24 -2.96 -24.43
CA VAL A 59 -7.08 -1.73 -23.60
C VAL A 59 -7.69 -0.55 -24.36
N GLU A 60 -7.82 -0.67 -25.69
CA GLU A 60 -8.37 0.44 -26.52
C GLU A 60 -9.88 0.51 -26.39
N GLU A 61 -10.51 -0.35 -25.57
CA GLU A 61 -11.90 -0.14 -25.12
C GLU A 61 -11.96 0.90 -23.99
N TYR A 62 -10.82 1.41 -23.52
CA TYR A 62 -10.72 2.25 -22.29
C TYR A 62 -9.80 3.45 -22.47
N LEU A 63 -8.64 3.27 -23.14
CA LEU A 63 -7.54 4.26 -23.18
C LEU A 63 -6.95 4.25 -24.60
N SER A 64 -6.35 5.36 -24.99
CA SER A 64 -5.58 5.48 -26.25
C SER A 64 -4.41 4.49 -26.21
N ALA A 65 -4.09 3.84 -27.34
CA ALA A 65 -2.88 2.98 -27.43
C ALA A 65 -1.65 3.76 -26.95
N LYS A 66 -1.60 5.09 -27.18
CA LYS A 66 -0.43 5.91 -26.81
C LYS A 66 -0.30 5.96 -25.29
N GLU A 67 -1.40 6.19 -24.56
CA GLU A 67 -1.30 6.19 -23.09
C GLU A 67 -0.98 4.77 -22.61
N ALA A 68 -1.62 3.76 -23.19
CA ALA A 68 -1.52 2.38 -22.69
C ALA A 68 -0.08 1.89 -22.79
N ARG A 69 0.63 2.24 -23.86
CA ARG A 69 2.04 1.84 -24.06
C ARG A 69 2.90 2.30 -22.86
N LYS A 70 2.46 3.28 -22.08
CA LYS A 70 3.26 3.81 -20.95
C LYS A 70 2.95 3.04 -19.64
N LEU A 71 1.97 2.13 -19.62
CA LEU A 71 1.43 1.54 -18.36
C LEU A 71 1.67 0.03 -18.31
N ASP A 72 2.18 -0.44 -17.18
CA ASP A 72 2.19 -1.90 -16.92
C ASP A 72 0.78 -2.45 -17.10
N LEU A 73 0.67 -3.70 -17.52
CA LEU A 73 -0.63 -4.43 -17.59
C LEU A 73 -1.42 -4.32 -16.26
N PHE A 74 -0.78 -4.31 -15.08
CA PHE A 74 -1.58 -4.29 -13.81
C PHE A 74 -2.29 -2.93 -13.75
N ILE A 75 -1.66 -1.85 -14.22
CA ILE A 75 -2.36 -0.54 -14.29
C ILE A 75 -3.48 -0.57 -15.32
N GLN A 76 -3.21 -1.11 -16.51
CA GLN A 76 -4.28 -1.26 -17.54
C GLN A 76 -5.48 -2.01 -16.93
N TYR A 77 -5.22 -3.12 -16.25
CA TYR A 77 -6.30 -3.98 -15.70
C TYR A 77 -7.07 -3.23 -14.60
N GLY A 78 -6.35 -2.50 -13.73
CA GLY A 78 -6.97 -1.78 -12.64
C GLY A 78 -7.80 -0.63 -13.14
N LEU A 79 -7.33 0.08 -14.17
CA LEU A 79 -8.13 1.17 -14.78
C LEU A 79 -9.36 0.58 -15.49
N ALA A 80 -9.21 -0.51 -16.21
CA ALA A 80 -10.37 -1.15 -16.89
C ALA A 80 -11.43 -1.46 -15.83
N ALA A 81 -11.07 -2.16 -14.76
CA ALA A 81 -12.10 -2.57 -13.77
C ALA A 81 -12.68 -1.31 -13.12
N SER A 82 -11.83 -0.31 -12.82
CA SER A 82 -12.27 0.93 -12.16
C SER A 82 -13.25 1.70 -13.04
N PHE A 83 -12.92 1.82 -14.33
CA PHE A 83 -13.83 2.53 -15.27
C PHE A 83 -15.15 1.77 -15.33
N GLN A 84 -15.13 0.44 -15.42
CA GLN A 84 -16.38 -0.37 -15.43
C GLN A 84 -17.21 -0.10 -14.17
N ALA A 85 -16.56 -0.07 -13.00
CA ALA A 85 -17.27 0.10 -11.71
C ALA A 85 -17.92 1.49 -11.66
N VAL A 86 -17.17 2.50 -12.07
CA VAL A 86 -17.68 3.90 -12.02
C VAL A 86 -18.87 4.01 -12.99
N ARG A 87 -18.74 3.51 -14.22
CA ARG A 87 -19.88 3.53 -15.18
C ARG A 87 -21.07 2.76 -14.58
N ASP A 88 -20.82 1.59 -13.98
CA ASP A 88 -21.85 0.75 -13.35
C ASP A 88 -22.58 1.52 -12.23
N SER A 89 -21.89 2.40 -11.49
CA SER A 89 -22.47 3.11 -10.33
C SER A 89 -23.48 4.16 -10.81
N GLY A 90 -23.29 4.69 -12.02
CA GLY A 90 -24.12 5.81 -12.50
C GLY A 90 -23.67 7.16 -11.94
N LEU A 91 -22.65 7.18 -11.10
CA LEU A 91 -22.18 8.38 -10.36
C LEU A 91 -21.71 9.43 -11.37
N GLU A 92 -22.18 10.67 -11.21
CA GLU A 92 -21.63 11.81 -11.98
C GLU A 92 -20.66 12.57 -11.07
N VAL A 93 -19.42 12.67 -11.48
CA VAL A 93 -18.39 13.51 -10.81
C VAL A 93 -18.62 14.96 -11.19
N THR A 94 -18.71 15.84 -10.19
CA THR A 94 -18.96 17.28 -10.37
C THR A 94 -17.99 18.06 -9.48
N ASP A 95 -17.92 19.37 -9.69
CA ASP A 95 -17.16 20.25 -8.78
C ASP A 95 -17.73 20.13 -7.36
N ALA A 96 -19.01 19.81 -7.18
CA ALA A 96 -19.67 19.80 -5.85
C ALA A 96 -19.22 18.54 -5.08
N ASN A 97 -18.80 17.48 -5.77
CA ASN A 97 -18.52 16.21 -5.07
C ASN A 97 -17.11 15.68 -5.35
N ARG A 98 -16.32 16.30 -6.21
CA ARG A 98 -15.04 15.64 -6.61
C ARG A 98 -14.09 15.51 -5.42
N GLU A 99 -14.17 16.41 -4.43
CA GLU A 99 -13.29 16.32 -3.25
C GLU A 99 -13.76 15.21 -2.32
N ARG A 100 -14.93 14.64 -2.56
CA ARG A 100 -15.53 13.62 -1.68
C ARG A 100 -15.44 12.22 -2.29
N ILE A 101 -14.72 12.07 -3.41
CA ILE A 101 -14.62 10.80 -4.15
C ILE A 101 -13.12 10.49 -4.23
N GLY A 102 -12.72 9.38 -3.64
CA GLY A 102 -11.32 8.93 -3.69
C GLY A 102 -11.20 7.55 -4.29
N VAL A 103 -9.97 7.01 -4.19
CA VAL A 103 -9.57 5.76 -4.85
C VAL A 103 -8.56 5.06 -3.97
N SER A 104 -8.78 3.79 -3.81
CA SER A 104 -7.81 2.88 -3.16
C SER A 104 -7.79 1.57 -3.96
N MET A 105 -6.95 1.53 -4.98
CA MET A 105 -6.80 0.34 -5.85
C MET A 105 -5.37 -0.12 -5.59
N GLY A 106 -5.21 -1.34 -5.07
CA GLY A 106 -3.91 -1.88 -4.70
C GLY A 106 -3.41 -2.96 -5.59
N SER A 107 -2.22 -3.44 -5.24
CA SER A 107 -1.60 -4.57 -5.96
C SER A 107 -0.61 -5.23 -5.02
N GLY A 108 -0.41 -6.52 -5.20
CA GLY A 108 0.52 -7.31 -4.39
C GLY A 108 1.95 -7.06 -4.80
N ILE A 109 2.25 -6.97 -6.10
CA ILE A 109 3.65 -6.62 -6.51
C ILE A 109 3.72 -5.58 -7.63
N GLY A 110 2.60 -5.13 -8.16
CA GLY A 110 2.59 -4.10 -9.21
C GLY A 110 3.33 -4.52 -10.47
N GLY A 111 4.12 -3.62 -11.01
CA GLY A 111 4.48 -3.62 -12.44
C GLY A 111 5.68 -4.52 -12.69
N LEU A 112 5.55 -5.80 -12.33
CA LEU A 112 6.68 -6.75 -12.39
C LEU A 112 7.09 -6.99 -13.85
N THR A 113 6.14 -7.04 -14.78
CA THR A 113 6.44 -7.22 -16.22
C THR A 113 7.29 -6.04 -16.68
N ASN A 114 6.82 -4.81 -16.44
CA ASN A 114 7.57 -3.61 -16.86
C ASN A 114 8.97 -3.60 -16.24
N ILE A 115 9.09 -4.02 -14.98
CA ILE A 115 10.42 -4.01 -14.30
C ILE A 115 11.29 -5.06 -14.98
N GLU A 116 10.73 -6.24 -15.25
CA GLU A 116 11.49 -7.30 -15.94
C GLU A 116 11.99 -6.74 -17.28
N ASN A 117 11.12 -6.08 -18.03
CA ASN A 117 11.45 -5.62 -19.39
C ASN A 117 12.50 -4.51 -19.33
N ASN A 118 12.34 -3.57 -18.39
CA ASN A 118 13.33 -2.48 -18.18
C ASN A 118 14.65 -3.07 -17.66
N CYS A 119 14.61 -4.13 -16.83
CA CYS A 119 15.86 -4.77 -16.35
C CYS A 119 16.62 -5.38 -17.54
N ARG A 120 15.89 -6.02 -18.46
CA ARG A 120 16.47 -6.58 -19.69
C ARG A 120 17.14 -5.44 -20.46
N SER A 121 16.46 -4.29 -20.61
CA SER A 121 17.02 -3.14 -21.35
C SER A 121 18.32 -2.68 -20.65
N LEU A 122 18.28 -2.60 -19.32
CA LEU A 122 19.40 -2.09 -18.51
C LEU A 122 20.61 -3.03 -18.66
N PHE A 123 20.38 -4.33 -18.69
CA PHE A 123 21.47 -5.35 -18.57
C PHE A 123 22.05 -5.64 -19.95
N GLU A 124 21.21 -5.59 -20.97
CA GLU A 124 21.63 -5.93 -22.35
C GLU A 124 22.14 -4.65 -23.05
N GLN A 125 21.53 -3.48 -22.80
CA GLN A 125 21.79 -2.26 -23.61
C GLN A 125 22.45 -1.20 -22.72
N GLY A 126 21.84 -0.90 -21.58
CA GLY A 126 22.39 0.06 -20.61
C GLY A 126 21.27 0.95 -20.10
N PRO A 127 21.57 1.78 -19.09
CA PRO A 127 20.57 2.66 -18.50
C PRO A 127 19.92 3.68 -19.42
N ARG A 128 20.57 4.05 -20.54
CA ARG A 128 20.01 5.04 -21.48
C ARG A 128 18.79 4.44 -22.20
N ARG A 129 18.57 3.14 -22.11
CA ARG A 129 17.39 2.46 -22.72
C ARG A 129 16.24 2.26 -21.72
N ILE A 130 16.39 2.60 -20.45
CA ILE A 130 15.23 2.55 -19.51
C ILE A 130 14.15 3.52 -19.96
N SER A 131 12.89 3.10 -19.96
CA SER A 131 11.76 3.98 -20.33
C SER A 131 11.68 5.19 -19.40
N PRO A 132 11.46 6.40 -19.93
CA PRO A 132 11.14 7.57 -19.12
C PRO A 132 9.88 7.38 -18.25
N PHE A 133 9.01 6.47 -18.65
CA PHE A 133 7.74 6.19 -17.94
C PHE A 133 7.90 5.02 -16.98
N PHE A 134 9.12 4.46 -16.86
CA PHE A 134 9.34 3.26 -16.02
C PHE A 134 8.70 3.44 -14.64
N VAL A 135 8.98 4.56 -13.96
CA VAL A 135 8.52 4.75 -12.56
C VAL A 135 7.01 4.98 -12.55
N PRO A 136 6.44 6.01 -13.24
CA PRO A 136 5.00 6.25 -13.11
C PRO A 136 4.19 5.13 -13.81
N GLY A 137 4.83 4.37 -14.69
CA GLY A 137 4.14 3.26 -15.37
C GLY A 137 4.23 1.93 -14.65
N SER A 138 4.91 1.84 -13.49
CA SER A 138 5.17 0.55 -12.80
C SER A 138 4.75 0.54 -11.33
N ILE A 139 4.80 1.68 -10.66
CA ILE A 139 4.66 1.66 -9.17
C ILE A 139 3.18 1.56 -8.80
N ILE A 140 2.94 0.97 -7.65
CA ILE A 140 1.63 0.40 -7.31
C ILE A 140 0.56 1.49 -7.21
N ASN A 141 0.89 2.67 -6.70
CA ASN A 141 -0.13 3.69 -6.38
C ASN A 141 -0.67 4.33 -7.66
N MET A 142 -0.19 3.93 -8.84
CA MET A 142 -0.57 4.67 -10.08
C MET A 142 -1.86 4.16 -10.69
N VAL A 143 -2.45 3.07 -10.21
CA VAL A 143 -3.87 2.81 -10.56
C VAL A 143 -4.73 3.93 -9.94
N SER A 144 -4.59 4.17 -8.64
CA SER A 144 -5.31 5.24 -7.93
C SER A 144 -4.95 6.59 -8.60
N GLY A 145 -3.69 6.76 -8.98
CA GLY A 145 -3.21 8.05 -9.52
C GLY A 145 -3.82 8.32 -10.87
N PHE A 146 -3.70 7.38 -11.79
CA PHE A 146 -4.25 7.56 -13.15
C PHE A 146 -5.77 7.64 -13.09
N LEU A 147 -6.44 6.85 -12.25
CA LEU A 147 -7.90 6.93 -12.21
C LEU A 147 -8.31 8.33 -11.74
N SER A 148 -7.65 8.90 -10.71
CA SER A 148 -8.02 10.25 -10.24
C SER A 148 -7.78 11.27 -11.36
N ILE A 149 -6.70 11.10 -12.12
CA ILE A 149 -6.35 12.04 -13.22
C ILE A 149 -7.42 11.94 -14.32
N HIS A 150 -7.82 10.74 -14.69
CA HIS A 150 -8.81 10.54 -15.78
C HIS A 150 -10.21 10.97 -15.39
N LEU A 151 -10.61 10.83 -14.13
CA LEU A 151 -11.98 11.15 -13.71
C LEU A 151 -12.10 12.43 -12.88
N GLY A 152 -11.00 13.04 -12.43
CA GLY A 152 -11.07 14.27 -11.62
C GLY A 152 -11.41 13.98 -10.15
N LEU A 153 -10.96 12.85 -9.61
CA LEU A 153 -11.27 12.44 -8.22
C LEU A 153 -10.25 13.15 -7.30
N GLN A 154 -10.72 13.93 -6.35
CA GLN A 154 -9.79 14.73 -5.50
C GLN A 154 -9.86 14.28 -4.05
N GLY A 155 -10.60 13.21 -3.77
CA GLY A 155 -10.69 12.60 -2.44
C GLY A 155 -9.40 11.87 -2.09
N PRO A 156 -9.41 11.15 -0.96
CA PRO A 156 -8.26 10.35 -0.53
C PRO A 156 -7.80 9.48 -1.68
N ASN A 157 -6.50 9.51 -1.91
CA ASN A 157 -5.88 8.84 -3.05
C ASN A 157 -4.73 8.01 -2.52
N TYR A 158 -4.87 6.70 -2.51
CA TYR A 158 -3.84 5.83 -1.94
C TYR A 158 -3.95 4.41 -2.46
N ALA A 159 -2.95 3.62 -2.05
CA ALA A 159 -2.85 2.22 -2.51
C ALA A 159 -2.35 1.42 -1.32
N LEU A 160 -2.94 0.24 -1.19
CA LEU A 160 -2.50 -0.74 -0.20
C LEU A 160 -1.70 -1.80 -0.95
N THR A 161 -0.76 -2.40 -0.28
CA THR A 161 -0.01 -3.55 -0.79
C THR A 161 0.16 -4.52 0.37
N THR A 162 -0.71 -5.54 0.48
CA THR A 162 -0.69 -6.54 1.58
C THR A 162 -0.76 -7.90 0.91
N ALA A 163 0.08 -8.05 -0.12
CA ALA A 163 0.27 -9.32 -0.83
C ALA A 163 -1.11 -9.86 -1.20
N GLN A 164 -1.42 -11.11 -0.87
CA GLN A 164 -2.64 -11.77 -1.40
C GLN A 164 -3.88 -11.26 -0.62
N THR A 165 -3.68 -10.36 0.33
CA THR A 165 -4.78 -9.75 1.13
C THR A 165 -5.16 -8.39 0.56
N THR A 166 -4.41 -7.89 -0.42
CA THR A 166 -4.52 -6.48 -0.86
C THR A 166 -5.96 -6.07 -1.19
N GLY A 167 -6.69 -6.88 -1.99
CA GLY A 167 -7.99 -6.44 -2.50
C GLY A 167 -8.99 -6.33 -1.39
N THR A 168 -8.93 -7.26 -0.47
CA THR A 168 -9.82 -7.29 0.72
C THR A 168 -9.49 -6.08 1.60
N HIS A 169 -8.26 -5.87 1.92
CA HIS A 169 -7.88 -4.69 2.74
C HIS A 169 -8.23 -3.39 2.03
N SER A 170 -8.01 -3.30 0.72
CA SER A 170 -8.25 -2.05 -0.05
C SER A 170 -9.73 -1.68 0.10
N ILE A 171 -10.61 -2.65 -0.11
CA ILE A 171 -12.07 -2.43 0.05
C ILE A 171 -12.42 -2.10 1.50
N GLY A 172 -11.90 -2.81 2.51
CA GLY A 172 -12.30 -2.55 3.91
C GLY A 172 -11.82 -1.20 4.40
N MET A 173 -10.60 -0.80 4.04
CA MET A 173 -10.04 0.49 4.52
C MET A 173 -10.73 1.65 3.79
N ALA A 174 -11.09 1.47 2.51
CA ALA A 174 -11.90 2.46 1.75
C ALA A 174 -13.27 2.60 2.43
N ALA A 175 -13.88 1.48 2.84
CA ALA A 175 -15.17 1.50 3.56
C ALA A 175 -14.99 2.30 4.86
N ARG A 176 -13.91 2.08 5.59
CA ARG A 176 -13.59 2.86 6.82
C ARG A 176 -13.50 4.36 6.51
N ASN A 177 -12.82 4.76 5.43
CA ASN A 177 -12.72 6.18 5.00
C ASN A 177 -14.14 6.77 4.89
N ILE A 178 -15.07 6.04 4.32
CA ILE A 178 -16.42 6.59 4.11
C ILE A 178 -17.16 6.58 5.45
N ALA A 179 -17.00 5.50 6.21
CA ALA A 179 -17.72 5.30 7.49
C ALA A 179 -17.40 6.50 8.38
N TYR A 180 -16.14 6.93 8.36
CA TYR A 180 -15.67 8.00 9.29
C TYR A 180 -15.81 9.40 8.69
N GLY A 181 -16.30 9.53 7.46
CA GLY A 181 -16.56 10.84 6.85
C GLY A 181 -15.39 11.45 6.08
N GLU A 182 -14.30 10.72 5.83
CA GLU A 182 -13.14 11.23 5.05
C GLU A 182 -13.47 11.30 3.56
N ALA A 183 -14.48 10.54 3.13
CA ALA A 183 -14.97 10.49 1.75
C ALA A 183 -16.43 10.08 1.79
N ASP A 184 -17.15 10.32 0.72
CA ASP A 184 -18.52 9.81 0.55
C ASP A 184 -18.52 8.67 -0.43
N VAL A 185 -17.54 8.60 -1.34
CA VAL A 185 -17.47 7.58 -2.41
C VAL A 185 -16.00 7.18 -2.53
N MET A 186 -15.74 5.88 -2.60
CA MET A 186 -14.40 5.37 -2.95
C MET A 186 -14.51 4.30 -4.04
N VAL A 187 -13.57 4.31 -4.98
CA VAL A 187 -13.33 3.18 -5.92
C VAL A 187 -12.20 2.35 -5.28
N ALA A 188 -12.51 1.10 -4.98
CA ALA A 188 -11.57 0.24 -4.24
C ALA A 188 -11.54 -1.16 -4.79
N GLY A 189 -10.34 -1.74 -4.69
CA GLY A 189 -10.12 -3.12 -5.07
C GLY A 189 -8.66 -3.33 -5.34
N GLY A 190 -8.40 -4.11 -6.36
CA GLY A 190 -7.01 -4.45 -6.66
C GLY A 190 -6.81 -4.95 -8.05
N SER A 191 -5.54 -5.00 -8.46
CA SER A 191 -5.20 -5.51 -9.80
C SER A 191 -3.85 -6.20 -9.73
N GLU A 192 -3.68 -7.22 -10.55
CA GLU A 192 -2.41 -7.96 -10.58
C GLU A 192 -2.10 -8.48 -11.98
N MET A 193 -0.83 -8.38 -12.36
CA MET A 193 -0.29 -9.06 -13.56
CA MET A 193 -0.30 -9.11 -13.53
C MET A 193 1.13 -9.53 -13.22
N ALA A 194 1.25 -10.70 -12.62
CA ALA A 194 2.58 -11.17 -12.19
C ALA A 194 3.05 -12.31 -13.10
N ALA A 195 2.39 -12.52 -14.25
CA ALA A 195 2.68 -13.65 -15.16
C ALA A 195 3.85 -13.25 -16.06
N CYS A 196 5.02 -13.09 -15.48
CA CYS A 196 6.26 -12.92 -16.28
C CYS A 196 7.25 -13.94 -15.74
N GLY A 197 8.44 -14.00 -16.34
CA GLY A 197 9.53 -14.87 -15.86
C GLY A 197 9.75 -14.78 -14.36
N LEU A 198 9.91 -13.56 -13.81
CA LEU A 198 10.14 -13.35 -12.36
C LEU A 198 8.96 -13.85 -11.53
N GLY A 199 7.73 -13.63 -11.97
CA GLY A 199 6.57 -14.09 -11.20
C GLY A 199 6.49 -15.59 -11.18
N LEU A 200 6.47 -16.21 -12.37
CA LEU A 200 6.32 -17.68 -12.45
C LEU A 200 7.56 -18.34 -11.87
N GLY A 201 8.75 -17.83 -12.20
CA GLY A 201 10.00 -18.34 -11.65
C GLY A 201 10.11 -18.12 -10.14
N GLY A 202 9.62 -17.00 -9.63
CA GLY A 202 9.79 -16.65 -8.21
C GLY A 202 8.87 -17.51 -7.34
N PHE A 203 7.60 -17.62 -7.71
CA PHE A 203 6.65 -18.51 -7.01
C PHE A 203 7.06 -19.98 -7.23
N GLY A 204 7.55 -20.33 -8.43
CA GLY A 204 8.13 -21.65 -8.70
C GLY A 204 9.31 -21.96 -7.81
N ALA A 205 10.21 -21.01 -7.58
CA ALA A 205 11.42 -21.27 -6.75
C ALA A 205 10.98 -21.59 -5.31
N ALA A 206 9.86 -21.01 -4.85
CA ALA A 206 9.33 -21.22 -3.48
C ALA A 206 8.53 -22.54 -3.42
N ARG A 207 8.34 -23.22 -4.54
CA ARG A 207 7.48 -24.40 -4.73
C ARG A 207 6.06 -24.09 -4.26
N ALA A 208 5.58 -22.88 -4.50
CA ALA A 208 4.24 -22.44 -4.08
C ALA A 208 3.18 -22.80 -5.13
N LEU A 209 3.54 -23.06 -6.40
CA LEU A 209 2.62 -23.23 -7.55
C LEU A 209 2.32 -24.69 -7.77
N SER A 210 1.09 -24.98 -8.16
CA SER A 210 0.74 -26.28 -8.77
C SER A 210 1.65 -26.51 -9.98
N THR A 211 2.12 -27.74 -10.18
CA THR A 211 2.92 -28.13 -11.37
C THR A 211 2.12 -29.15 -12.20
N ARG A 212 0.78 -29.10 -12.15
CA ARG A 212 -0.07 -30.07 -12.89
C ARG A 212 -0.23 -29.62 -14.34
N ASN A 213 0.90 -29.53 -15.06
CA ASN A 213 0.97 -29.03 -16.43
C ASN A 213 0.10 -29.90 -17.36
N ASP A 214 -0.05 -31.18 -17.03
CA ASP A 214 -0.80 -32.12 -17.91
C ASP A 214 -2.29 -31.79 -17.84
N GLU A 215 -2.79 -31.20 -16.75
CA GLU A 215 -4.26 -30.95 -16.62
C GLU A 215 -4.47 -29.60 -15.95
N PRO A 216 -4.18 -28.48 -16.65
CA PRO A 216 -4.24 -27.17 -16.02
C PRO A 216 -5.61 -26.81 -15.41
N THR A 217 -6.73 -27.24 -16.01
CA THR A 217 -8.08 -26.87 -15.48
C THR A 217 -8.36 -27.64 -14.18
N ARG A 218 -7.60 -28.68 -13.89
CA ARG A 218 -7.76 -29.50 -12.66
C ARG A 218 -6.70 -29.16 -11.60
N ALA A 219 -5.80 -28.22 -11.89
CA ALA A 219 -4.67 -27.85 -11.00
C ALA A 219 -5.19 -27.21 -9.72
N SER A 220 -6.10 -26.26 -9.83
CA SER A 220 -6.67 -25.51 -8.69
C SER A 220 -7.80 -26.33 -8.08
N ARG A 221 -7.52 -26.98 -6.96
CA ARG A 221 -8.43 -27.99 -6.35
C ARG A 221 -8.41 -27.77 -4.85
N PRO A 222 -8.98 -26.63 -4.39
CA PRO A 222 -9.00 -26.32 -2.97
C PRO A 222 -9.67 -27.43 -2.12
N TRP A 223 -9.00 -27.80 -1.04
CA TRP A 223 -9.43 -28.82 -0.03
C TRP A 223 -9.39 -30.23 -0.61
N ASP A 224 -8.96 -30.41 -1.86
CA ASP A 224 -8.87 -31.75 -2.45
C ASP A 224 -7.59 -32.40 -1.91
N ARG A 225 -7.62 -33.70 -1.70
CA ARG A 225 -6.45 -34.45 -1.16
C ARG A 225 -5.17 -34.22 -1.98
N ASP A 226 -5.27 -34.01 -3.29
CA ASP A 226 -4.13 -34.06 -4.24
C ASP A 226 -3.76 -32.64 -4.70
N ARG A 227 -4.27 -31.60 -4.04
CA ARG A 227 -3.83 -30.19 -4.28
C ARG A 227 -2.32 -30.07 -4.09
N ASP A 228 -1.65 -29.23 -4.88
CA ASP A 228 -0.17 -29.17 -4.86
C ASP A 228 0.31 -27.71 -5.01
N GLY A 229 -0.51 -26.75 -4.64
CA GLY A 229 -0.17 -25.31 -4.72
C GLY A 229 -1.13 -24.53 -5.58
N PHE A 230 -0.94 -23.22 -5.54
CA PHE A 230 -1.91 -22.30 -6.15
C PHE A 230 -1.63 -22.20 -7.65
N VAL A 231 -2.60 -21.63 -8.35
CA VAL A 231 -2.56 -21.38 -9.79
C VAL A 231 -2.51 -19.87 -9.93
N LEU A 232 -1.50 -19.39 -10.62
CA LEU A 232 -1.23 -17.94 -10.77
C LEU A 232 -2.19 -17.39 -11.85
N SER A 233 -2.94 -16.37 -11.46
CA SER A 233 -3.89 -15.70 -12.37
C SER A 233 -3.75 -14.18 -12.32
N ASP A 234 -4.30 -13.56 -13.34
CA ASP A 234 -4.20 -12.11 -13.63
C ASP A 234 -5.59 -11.50 -13.62
N GLY A 235 -5.64 -10.23 -13.33
CA GLY A 235 -6.83 -9.40 -13.57
C GLY A 235 -7.07 -8.39 -12.49
N SER A 236 -8.32 -7.99 -12.30
CA SER A 236 -8.64 -6.81 -11.48
C SER A 236 -10.09 -6.86 -11.06
N GLY A 237 -10.37 -6.29 -9.92
CA GLY A 237 -11.72 -6.04 -9.40
C GLY A 237 -11.76 -4.67 -8.83
N ALA A 238 -12.87 -3.97 -9.02
CA ALA A 238 -13.10 -2.63 -8.47
C ALA A 238 -14.56 -2.53 -8.08
N LEU A 239 -14.77 -1.95 -6.93
CA LEU A 239 -16.11 -1.64 -6.42
CA LEU A 239 -16.11 -1.65 -6.38
C LEU A 239 -16.22 -0.14 -6.19
N VAL A 240 -17.41 0.39 -6.46
CA VAL A 240 -17.76 1.73 -5.96
C VAL A 240 -18.47 1.53 -4.62
N LEU A 241 -17.83 2.05 -3.56
CA LEU A 241 -18.35 2.08 -2.18
CA LEU A 241 -18.33 2.09 -2.17
C LEU A 241 -18.91 3.48 -1.98
N GLU A 242 -20.05 3.58 -1.32
CA GLU A 242 -20.71 4.87 -1.23
C GLU A 242 -21.44 4.92 0.11
N GLU A 243 -21.34 6.05 0.79
CA GLU A 243 -22.15 6.28 2.01
C GLU A 243 -23.62 6.07 1.69
N LEU A 244 -24.36 5.43 2.61
CA LEU A 244 -25.75 4.95 2.35
C LEU A 244 -26.67 6.13 1.99
N GLU A 245 -26.65 7.21 2.77
CA GLU A 245 -27.60 8.34 2.57
C GLU A 245 -27.24 9.05 1.24
N HIS A 246 -25.95 9.14 0.91
CA HIS A 246 -25.45 9.61 -0.42
C HIS A 246 -26.02 8.74 -1.54
N ALA A 247 -25.93 7.41 -1.44
CA ALA A 247 -26.51 6.48 -2.43
C ALA A 247 -28.03 6.68 -2.54
N ARG A 248 -28.74 6.74 -1.42
CA ARG A 248 -30.21 6.92 -1.39
C ARG A 248 -30.57 8.25 -2.05
N ALA A 249 -29.87 9.33 -1.71
CA ALA A 249 -30.22 10.69 -2.19
C ALA A 249 -30.19 10.70 -3.72
N ARG A 250 -29.23 10.02 -4.37
CA ARG A 250 -29.14 10.11 -5.84
C ARG A 250 -29.89 8.96 -6.54
N GLY A 251 -30.61 8.10 -5.81
CA GLY A 251 -31.37 6.98 -6.40
C GLY A 251 -30.49 5.87 -6.97
N ALA A 252 -29.28 5.71 -6.43
CA ALA A 252 -28.34 4.63 -6.85
C ALA A 252 -28.97 3.25 -6.70
N ARG A 253 -28.65 2.35 -7.63
CA ARG A 253 -28.91 0.91 -7.44
CA ARG A 253 -28.91 0.91 -7.45
C ARG A 253 -27.87 0.37 -6.45
N ILE A 254 -28.33 -0.23 -5.38
CA ILE A 254 -27.47 -0.78 -4.30
C ILE A 254 -27.42 -2.30 -4.42
N TYR A 255 -26.23 -2.87 -4.59
CA TYR A 255 -26.08 -4.34 -4.69
C TYR A 255 -26.14 -5.01 -3.32
N ALA A 256 -25.56 -4.39 -2.31
CA ALA A 256 -25.38 -5.00 -0.97
C ALA A 256 -24.80 -3.91 -0.07
N GLU A 257 -24.83 -4.17 1.23
CA GLU A 257 -24.20 -3.30 2.24
C GLU A 257 -22.93 -3.99 2.71
N LEU A 258 -21.88 -3.21 2.92
CA LEU A 258 -20.64 -3.70 3.55
CA LEU A 258 -20.63 -3.70 3.56
C LEU A 258 -20.74 -3.38 5.05
N VAL A 259 -20.97 -4.42 5.85
CA VAL A 259 -21.31 -4.21 7.29
C VAL A 259 -20.14 -4.52 8.20
N GLY A 260 -19.13 -5.25 7.74
CA GLY A 260 -18.05 -5.69 8.63
C GLY A 260 -16.74 -5.80 7.90
N PHE A 261 -15.68 -5.35 8.57
CA PHE A 261 -14.29 -5.53 8.11
C PHE A 261 -13.43 -5.95 9.30
N GLY A 262 -12.63 -6.97 9.09
CA GLY A 262 -11.68 -7.50 10.09
C GLY A 262 -10.33 -7.59 9.47
N MET A 263 -9.34 -7.27 10.28
CA MET A 263 -7.91 -7.43 10.00
C MET A 263 -7.30 -8.10 11.22
N SER A 264 -6.23 -8.83 10.98
CA SER A 264 -5.37 -9.35 12.05
C SER A 264 -4.05 -9.74 11.41
N GLY A 265 -3.06 -10.00 12.23
CA GLY A 265 -1.82 -10.67 11.84
C GLY A 265 -1.69 -12.02 12.53
N ASP A 266 -1.30 -13.05 11.78
CA ASP A 266 -0.95 -14.38 12.32
C ASP A 266 0.20 -14.22 13.32
N ALA A 267 1.18 -13.36 13.01
CA ALA A 267 2.45 -13.23 13.77
C ALA A 267 3.07 -14.63 13.94
N PHE A 268 3.05 -15.44 12.88
CA PHE A 268 3.49 -16.85 12.89
C PHE A 268 4.69 -17.08 11.95
N HIS A 269 4.51 -16.83 10.64
CA HIS A 269 5.48 -17.27 9.60
C HIS A 269 5.29 -16.44 8.34
N MET A 270 6.37 -16.16 7.62
CA MET A 270 6.37 -15.26 6.44
C MET A 270 5.45 -15.79 5.35
N THR A 271 5.34 -17.11 5.16
CA THR A 271 4.61 -17.70 4.00
C THR A 271 3.72 -18.88 4.38
N ALA A 272 3.49 -19.17 5.65
CA ALA A 272 2.58 -20.28 6.02
C ALA A 272 1.69 -19.81 7.17
N PRO A 273 0.41 -20.23 7.19
CA PRO A 273 -0.47 -19.95 8.31
C PRO A 273 -0.25 -20.99 9.40
N PRO A 274 -0.63 -20.72 10.67
CA PRO A 274 -0.64 -21.78 11.67
C PRO A 274 -1.72 -22.81 11.24
N GLU A 275 -1.48 -24.08 11.54
CA GLU A 275 -2.38 -25.20 11.19
C GLU A 275 -3.79 -24.96 11.75
N ASP A 276 -3.91 -24.27 12.86
CA ASP A 276 -5.21 -24.10 13.56
C ASP A 276 -5.92 -22.88 12.94
N GLY A 277 -5.27 -22.17 12.02
CA GLY A 277 -5.83 -20.93 11.45
C GLY A 277 -6.19 -19.90 12.50
N ALA A 278 -5.44 -19.80 13.59
CA ALA A 278 -5.75 -18.83 14.68
C ALA A 278 -5.90 -17.41 14.12
N GLY A 279 -5.08 -16.99 13.16
CA GLY A 279 -5.10 -15.61 12.61
C GLY A 279 -6.34 -15.33 11.79
N ALA A 280 -6.74 -16.29 10.97
CA ALA A 280 -7.98 -16.23 10.17
C ALA A 280 -9.17 -16.14 11.14
N ALA A 281 -9.11 -16.96 12.19
CA ALA A 281 -10.21 -17.02 13.18
C ALA A 281 -10.34 -15.66 13.84
N ARG A 282 -9.22 -15.04 14.25
CA ARG A 282 -9.29 -13.74 14.95
C ARG A 282 -9.87 -12.72 13.98
N CYS A 283 -9.37 -12.73 12.75
CA CYS A 283 -9.82 -11.80 11.70
C CYS A 283 -11.33 -11.96 11.46
N MET A 284 -11.84 -13.19 11.29
CA MET A 284 -13.28 -13.40 11.05
C MET A 284 -14.08 -12.92 12.27
N LYS A 285 -13.64 -13.24 13.48
CA LYS A 285 -14.39 -12.80 14.68
C LYS A 285 -14.35 -11.27 14.78
N ASN A 286 -13.25 -10.63 14.44
CA ASN A 286 -13.21 -9.15 14.41
C ASN A 286 -14.28 -8.63 13.44
N ALA A 287 -14.35 -9.24 12.24
CA ALA A 287 -15.27 -8.79 11.16
C ALA A 287 -16.71 -8.96 11.63
N LEU A 288 -17.01 -10.08 12.29
CA LEU A 288 -18.39 -10.43 12.70
C LEU A 288 -18.84 -9.49 13.82
N ARG A 289 -17.93 -9.19 14.75
CA ARG A 289 -18.22 -8.24 15.85
C ARG A 289 -18.42 -6.88 15.22
N ASP A 290 -17.54 -6.45 14.32
CA ASP A 290 -17.70 -5.17 13.60
C ASP A 290 -19.08 -5.05 12.95
N ALA A 291 -19.59 -6.16 12.38
CA ALA A 291 -20.89 -6.19 11.67
C ALA A 291 -22.06 -6.30 12.66
N GLY A 292 -21.81 -6.44 13.97
CA GLY A 292 -22.87 -6.64 14.99
C GLY A 292 -23.70 -7.89 14.72
N LEU A 293 -23.07 -8.99 14.32
CA LEU A 293 -23.80 -10.24 13.91
C LEU A 293 -23.66 -11.34 14.95
N ASP A 294 -24.64 -12.22 14.92
CA ASP A 294 -24.55 -13.59 15.44
C ASP A 294 -23.82 -14.41 14.38
N PRO A 295 -22.77 -15.18 14.71
CA PRO A 295 -22.04 -15.94 13.72
C PRO A 295 -22.98 -16.86 12.92
N ARG A 296 -24.11 -17.27 13.53
CA ARG A 296 -25.12 -18.13 12.83
C ARG A 296 -25.78 -17.38 11.66
N GLN A 297 -25.57 -16.06 11.55
CA GLN A 297 -26.19 -15.28 10.45
C GLN A 297 -25.38 -15.49 9.16
N VAL A 298 -24.17 -16.01 9.28
CA VAL A 298 -23.34 -16.23 8.07
C VAL A 298 -23.91 -17.40 7.28
N ASP A 299 -24.27 -17.14 6.02
CA ASP A 299 -24.83 -18.18 5.11
C ASP A 299 -23.76 -18.69 4.13
N TYR A 300 -22.86 -17.80 3.70
CA TYR A 300 -21.90 -18.10 2.58
C TYR A 300 -20.55 -17.48 2.93
N ILE A 301 -19.50 -18.29 2.80
CA ILE A 301 -18.10 -17.81 2.91
C ILE A 301 -17.41 -18.05 1.57
N ASN A 302 -16.96 -16.99 0.91
CA ASN A 302 -16.00 -17.12 -0.20
C ASN A 302 -14.64 -17.25 0.44
N ALA A 303 -14.11 -18.49 0.49
CA ALA A 303 -12.84 -18.80 1.17
C ALA A 303 -11.67 -18.14 0.44
N HIS A 304 -10.57 -17.92 1.15
CA HIS A 304 -9.26 -17.68 0.49
C HIS A 304 -8.95 -18.90 -0.40
N GLY A 305 -8.90 -20.09 0.18
CA GLY A 305 -8.95 -21.40 -0.54
C GLY A 305 -8.04 -21.41 -1.76
N THR A 306 -6.72 -21.33 -1.54
CA THR A 306 -5.75 -21.17 -2.66
C THR A 306 -5.32 -22.47 -3.34
N SER A 307 -5.63 -23.63 -2.74
CA SER A 307 -5.23 -24.98 -3.22
C SER A 307 -3.79 -25.28 -2.79
N THR A 308 -3.41 -24.73 -1.64
CA THR A 308 -2.17 -25.15 -0.94
C THR A 308 -2.52 -26.18 0.15
N PRO A 309 -1.63 -27.17 0.38
CA PRO A 309 -1.78 -28.10 1.50
C PRO A 309 -2.07 -27.45 2.86
N ALA A 310 -1.21 -26.54 3.32
CA ALA A 310 -1.32 -25.96 4.67
C ALA A 310 -2.45 -24.92 4.69
N GLY A 311 -2.55 -24.10 3.65
CA GLY A 311 -3.49 -22.95 3.68
C GLY A 311 -4.93 -23.43 3.76
N ASP A 312 -5.29 -24.39 2.91
CA ASP A 312 -6.71 -24.80 2.79
C ASP A 312 -7.18 -25.37 4.14
N ILE A 313 -6.39 -26.21 4.78
CA ILE A 313 -6.89 -26.88 6.01
C ILE A 313 -6.87 -25.89 7.18
N ALA A 314 -5.96 -24.92 7.21
CA ALA A 314 -5.96 -23.88 8.27
C ALA A 314 -7.29 -23.11 8.20
N GLU A 315 -7.80 -22.85 7.00
CA GLU A 315 -9.05 -22.09 6.83
C GLU A 315 -10.26 -22.93 7.26
N ILE A 316 -10.23 -24.24 7.05
CA ILE A 316 -11.28 -25.14 7.62
C ILE A 316 -11.21 -25.05 9.14
N ALA A 317 -10.02 -25.16 9.72
CA ALA A 317 -9.85 -25.09 11.20
C ALA A 317 -10.45 -23.79 11.74
N ALA A 318 -10.13 -22.67 11.09
CA ALA A 318 -10.57 -21.31 11.51
C ALA A 318 -12.09 -21.22 11.44
N VAL A 319 -12.71 -21.73 10.35
CA VAL A 319 -14.19 -21.68 10.20
C VAL A 319 -14.83 -22.58 11.26
N LYS A 320 -14.25 -23.73 11.55
CA LYS A 320 -14.79 -24.62 12.61
C LYS A 320 -14.72 -23.89 13.95
N SER A 321 -13.61 -23.21 14.24
CA SER A 321 -13.38 -22.52 15.53
CA SER A 321 -13.36 -22.50 15.53
C SER A 321 -14.36 -21.35 15.68
N VAL A 322 -14.59 -20.60 14.62
CA VAL A 322 -15.41 -19.38 14.71
C VAL A 322 -16.87 -19.78 14.81
N PHE A 323 -17.31 -20.80 14.05
CA PHE A 323 -18.77 -20.99 13.81
C PHE A 323 -19.29 -22.23 14.53
N GLY A 324 -18.41 -23.08 15.07
CA GLY A 324 -18.85 -24.26 15.82
C GLY A 324 -19.80 -25.09 15.00
N GLU A 325 -20.93 -25.49 15.57
CA GLU A 325 -21.90 -26.37 14.85
C GLU A 325 -22.41 -25.67 13.59
N HIS A 326 -22.46 -24.34 13.58
CA HIS A 326 -22.98 -23.57 12.44
C HIS A 326 -22.03 -23.74 11.24
N ALA A 327 -20.78 -24.16 11.46
CA ALA A 327 -19.81 -24.40 10.36
C ALA A 327 -20.40 -25.43 9.38
N HIS A 328 -21.33 -26.28 9.85
CA HIS A 328 -21.97 -27.39 9.09
C HIS A 328 -23.28 -26.96 8.41
N ALA A 329 -23.74 -25.73 8.61
CA ALA A 329 -24.98 -25.21 8.01
C ALA A 329 -24.65 -24.18 6.93
N LEU A 330 -23.64 -23.34 7.13
CA LEU A 330 -23.19 -22.40 6.06
C LEU A 330 -22.60 -23.19 4.89
N SER A 331 -22.51 -22.52 3.75
CA SER A 331 -21.82 -22.98 2.51
C SER A 331 -20.53 -22.20 2.40
N MET A 332 -19.45 -22.89 2.09
CA MET A 332 -18.15 -22.24 1.90
C MET A 332 -17.57 -22.75 0.60
N SER A 333 -17.17 -21.85 -0.28
CA SER A 333 -16.52 -22.29 -1.52
C SER A 333 -15.32 -21.42 -1.85
N SER A 334 -14.44 -21.99 -2.66
CA SER A 334 -13.30 -21.26 -3.24
C SER A 334 -13.52 -21.09 -4.75
N THR A 335 -13.78 -19.87 -5.17
CA THR A 335 -13.85 -19.54 -6.60
C THR A 335 -12.47 -19.61 -7.26
N LYS A 336 -11.38 -19.66 -6.48
CA LYS A 336 -10.00 -19.88 -7.03
C LYS A 336 -9.92 -21.25 -7.73
N SER A 337 -10.79 -22.18 -7.40
CA SER A 337 -10.99 -23.45 -8.16
C SER A 337 -11.16 -23.20 -9.67
N MET A 338 -11.84 -22.10 -10.03
CA MET A 338 -12.15 -21.69 -11.41
C MET A 338 -11.21 -20.56 -11.89
N THR A 339 -10.93 -19.57 -11.05
CA THR A 339 -10.25 -18.33 -11.50
C THR A 339 -8.75 -18.47 -11.34
N GLY A 340 -8.31 -19.43 -10.51
CA GLY A 340 -6.97 -19.38 -9.93
C GLY A 340 -6.81 -18.16 -9.04
N HIS A 341 -5.60 -17.89 -8.71
CA HIS A 341 -5.23 -16.98 -7.59
C HIS A 341 -4.75 -15.65 -8.18
N LEU A 342 -5.62 -14.63 -8.14
CA LEU A 342 -5.32 -13.26 -8.65
C LEU A 342 -4.49 -12.44 -7.65
N LEU A 343 -3.91 -13.05 -6.62
CA LEU A 343 -2.93 -12.39 -5.72
C LEU A 343 -3.54 -11.09 -5.16
N GLY A 344 -2.99 -9.91 -5.43
CA GLY A 344 -3.53 -8.66 -4.87
C GLY A 344 -4.93 -8.37 -5.38
N ALA A 345 -5.36 -8.98 -6.48
CA ALA A 345 -6.73 -8.74 -6.98
C ALA A 345 -7.69 -9.83 -6.48
N ALA A 346 -7.19 -10.88 -5.85
CA ALA A 346 -8.05 -12.04 -5.46
C ALA A 346 -9.20 -11.53 -4.59
N GLY A 347 -8.91 -10.70 -3.60
CA GLY A 347 -9.91 -10.25 -2.64
C GLY A 347 -10.87 -9.27 -3.30
N ALA A 348 -10.44 -8.58 -4.34
CA ALA A 348 -11.32 -7.66 -5.10
C ALA A 348 -12.34 -8.48 -5.91
N VAL A 349 -11.89 -9.44 -6.70
CA VAL A 349 -12.84 -10.22 -7.54
C VAL A 349 -13.71 -11.07 -6.63
N GLU A 350 -13.18 -11.59 -5.51
CA GLU A 350 -13.97 -12.45 -4.63
C GLU A 350 -14.99 -11.63 -3.85
N ALA A 351 -14.70 -10.39 -3.51
CA ALA A 351 -15.71 -9.50 -2.89
C ALA A 351 -16.88 -9.33 -3.85
N ILE A 352 -16.58 -9.17 -5.15
CA ILE A 352 -17.63 -9.00 -6.18
C ILE A 352 -18.41 -10.32 -6.30
N PHE A 353 -17.75 -11.48 -6.24
CA PHE A 353 -18.45 -12.77 -6.32
C PHE A 353 -19.37 -12.90 -5.10
N SER A 354 -18.92 -12.45 -3.93
CA SER A 354 -19.69 -12.50 -2.67
C SER A 354 -20.94 -11.62 -2.80
N VAL A 355 -20.78 -10.42 -3.34
CA VAL A 355 -21.94 -9.51 -3.54
C VAL A 355 -22.94 -10.17 -4.51
N LEU A 356 -22.45 -10.76 -5.59
CA LEU A 356 -23.33 -11.41 -6.60
C LEU A 356 -23.98 -12.67 -6.02
N ALA A 357 -23.32 -13.37 -5.08
CA ALA A 357 -23.91 -14.49 -4.34
C ALA A 357 -25.16 -13.98 -3.58
N LEU A 358 -25.08 -12.80 -3.01
CA LEU A 358 -26.23 -12.16 -2.32
C LEU A 358 -27.28 -11.76 -3.37
N ARG A 359 -26.88 -11.13 -4.48
CA ARG A 359 -27.87 -10.65 -5.47
C ARG A 359 -28.67 -11.87 -5.95
N ASP A 360 -27.99 -12.98 -6.24
CA ASP A 360 -28.63 -14.08 -7.01
C ASP A 360 -28.94 -15.26 -6.09
N GLN A 361 -28.64 -15.13 -4.80
CA GLN A 361 -28.95 -16.17 -3.79
C GLN A 361 -28.38 -17.51 -4.26
N VAL A 362 -27.07 -17.54 -4.49
CA VAL A 362 -26.41 -18.77 -4.98
C VAL A 362 -24.98 -18.78 -4.47
N ALA A 363 -24.55 -19.94 -3.96
CA ALA A 363 -23.19 -20.27 -3.58
C ALA A 363 -22.45 -20.79 -4.81
N PRO A 364 -21.43 -20.08 -5.28
CA PRO A 364 -20.58 -20.60 -6.34
C PRO A 364 -19.94 -21.92 -5.92
N PRO A 365 -19.62 -22.78 -6.89
CA PRO A 365 -19.00 -24.06 -6.59
C PRO A 365 -17.52 -23.96 -6.27
N THR A 366 -17.04 -24.95 -5.55
CA THR A 366 -15.59 -25.32 -5.56
C THR A 366 -15.45 -26.43 -6.58
N ILE A 367 -14.96 -26.16 -7.78
CA ILE A 367 -14.78 -27.25 -8.76
C ILE A 367 -13.50 -27.99 -8.36
N ASN A 368 -13.37 -29.19 -8.90
CA ASN A 368 -12.21 -30.11 -8.76
C ASN A 368 -12.12 -30.70 -7.35
N LEU A 369 -13.16 -30.54 -6.52
CA LEU A 369 -13.15 -31.07 -5.14
C LEU A 369 -13.65 -32.54 -5.22
N ASP A 370 -12.78 -33.44 -5.69
CA ASP A 370 -13.16 -34.83 -6.03
C ASP A 370 -12.97 -35.69 -4.77
N ASN A 371 -11.95 -35.41 -3.98
CA ASN A 371 -11.58 -36.15 -2.74
C ASN A 371 -11.29 -35.15 -1.64
N PRO A 372 -12.34 -34.66 -0.96
CA PRO A 372 -12.15 -33.77 0.18
C PRO A 372 -11.15 -34.39 1.17
N ASP A 373 -10.17 -33.60 1.57
CA ASP A 373 -9.09 -34.11 2.43
C ASP A 373 -9.64 -34.35 3.84
N GLU A 374 -8.85 -35.01 4.67
CA GLU A 374 -9.22 -35.27 6.08
C GLU A 374 -9.67 -33.96 6.75
N GLY A 375 -10.84 -33.97 7.39
CA GLY A 375 -11.31 -32.84 8.20
C GLY A 375 -12.07 -31.83 7.33
N CYS A 376 -12.08 -32.03 6.01
CA CYS A 376 -12.71 -31.09 5.03
C CYS A 376 -14.15 -31.51 4.82
N ASP A 377 -14.93 -31.52 5.89
CA ASP A 377 -16.24 -32.22 5.95
C ASP A 377 -17.34 -31.16 6.09
N LEU A 378 -17.06 -29.95 5.61
CA LEU A 378 -18.11 -28.89 5.57
C LEU A 378 -18.82 -28.97 4.22
N ASP A 379 -19.91 -28.22 4.09
CA ASP A 379 -20.54 -27.92 2.78
C ASP A 379 -19.59 -27.01 1.98
N LEU A 380 -18.74 -27.60 1.15
CA LEU A 380 -17.74 -26.85 0.37
C LEU A 380 -18.26 -26.64 -1.05
N VAL A 381 -19.56 -26.89 -1.27
CA VAL A 381 -20.27 -26.64 -2.55
C VAL A 381 -19.50 -27.31 -3.70
N ALA A 382 -19.08 -28.55 -3.51
CA ALA A 382 -18.28 -29.31 -4.51
C ALA A 382 -19.04 -29.40 -5.85
N HIS A 383 -18.31 -29.12 -6.95
CA HIS A 383 -18.66 -29.40 -8.37
C HIS A 383 -19.66 -28.40 -8.96
N GLU A 384 -20.75 -28.05 -8.27
CA GLU A 384 -21.89 -27.35 -8.89
C GLU A 384 -22.45 -26.27 -7.96
N ALA A 385 -22.90 -25.18 -8.56
CA ALA A 385 -23.41 -24.00 -7.84
C ALA A 385 -24.58 -24.45 -6.97
N LYS A 386 -24.75 -23.85 -5.79
CA LYS A 386 -25.89 -24.23 -4.90
C LYS A 386 -26.80 -23.05 -4.67
N PRO A 387 -27.99 -23.02 -5.32
CA PRO A 387 -29.04 -22.06 -4.99
C PRO A 387 -29.36 -22.24 -3.51
N ARG A 388 -29.32 -21.16 -2.74
CA ARG A 388 -29.67 -21.18 -1.30
C ARG A 388 -29.91 -19.77 -0.77
N LYS A 389 -30.47 -19.70 0.42
CA LYS A 389 -30.71 -18.43 1.12
C LYS A 389 -29.34 -17.93 1.52
N ILE A 390 -29.04 -16.69 1.17
CA ILE A 390 -27.81 -16.01 1.66
C ILE A 390 -28.20 -14.60 2.06
N ASP A 391 -28.18 -14.33 3.36
CA ASP A 391 -28.38 -12.94 3.84
C ASP A 391 -27.03 -12.28 4.15
N VAL A 392 -26.05 -13.07 4.60
CA VAL A 392 -24.74 -12.57 5.03
C VAL A 392 -23.69 -13.42 4.31
N ALA A 393 -22.78 -12.77 3.60
CA ALA A 393 -21.64 -13.42 2.90
C ALA A 393 -20.37 -12.81 3.46
N LEU A 394 -19.40 -13.69 3.74
CA LEU A 394 -18.08 -13.31 4.25
C LEU A 394 -17.07 -13.65 3.13
N SER A 395 -16.07 -12.82 2.94
CA SER A 395 -14.98 -13.09 2.01
C SER A 395 -13.67 -12.98 2.77
N ASN A 396 -12.83 -14.01 2.73
CA ASN A 396 -11.55 -14.04 3.47
C ASN A 396 -10.39 -13.95 2.51
N SER A 397 -9.37 -13.19 2.88
CA SER A 397 -8.05 -13.20 2.21
C SER A 397 -6.97 -13.34 3.29
N PHE A 398 -5.91 -14.07 2.97
CA PHE A 398 -4.71 -14.18 3.84
C PHE A 398 -3.52 -13.95 2.91
N GLY A 399 -2.45 -13.40 3.46
CA GLY A 399 -1.29 -12.97 2.66
C GLY A 399 0.00 -13.36 3.32
N PHE A 400 1.06 -13.39 2.52
CA PHE A 400 2.44 -13.50 3.05
C PHE A 400 2.62 -12.41 4.09
N GLY A 401 3.35 -12.72 5.16
CA GLY A 401 3.50 -11.87 6.34
C GLY A 401 2.47 -12.23 7.39
N GLY A 402 1.53 -13.14 7.08
CA GLY A 402 0.44 -13.50 8.00
C GLY A 402 -0.56 -12.38 8.11
N THR A 403 -0.72 -11.57 7.07
CA THR A 403 -1.74 -10.49 7.14
C THR A 403 -3.07 -11.04 6.64
N ASN A 404 -4.14 -10.79 7.41
CA ASN A 404 -5.45 -11.44 7.21
C ASN A 404 -6.48 -10.32 7.05
N GLY A 405 -7.48 -10.60 6.23
CA GLY A 405 -8.59 -9.65 6.06
C GLY A 405 -9.90 -10.37 5.84
N THR A 406 -10.99 -9.84 6.39
CA THR A 406 -12.33 -10.42 6.19
C THR A 406 -13.33 -9.29 5.92
N LEU A 407 -14.14 -9.45 4.91
CA LEU A 407 -15.22 -8.52 4.59
C LEU A 407 -16.54 -9.22 4.83
N VAL A 408 -17.50 -8.50 5.41
CA VAL A 408 -18.84 -9.06 5.63
C VAL A 408 -19.84 -8.19 4.89
N PHE A 409 -20.59 -8.82 4.01
CA PHE A 409 -21.59 -8.17 3.14
C PHE A 409 -22.94 -8.73 3.53
N ARG A 410 -23.97 -7.89 3.35
CA ARG A 410 -25.34 -8.35 3.62
C ARG A 410 -26.32 -7.71 2.64
N ARG A 411 -27.41 -8.42 2.35
CA ARG A 411 -28.50 -7.93 1.50
C ARG A 411 -28.96 -6.58 2.05
N PHE A 412 -29.20 -5.65 1.12
CA PHE A 412 -29.76 -4.31 1.44
C PHE A 412 -31.14 -4.19 0.76
N ALA A 413 -32.19 -4.01 1.57
CA ALA A 413 -33.58 -3.69 1.16
C ALA A 413 -33.57 -2.52 0.16
N SER B 2 -15.37 13.18 20.25
CA SER B 2 -15.73 11.83 19.70
C SER B 2 -14.52 10.89 19.72
N ARG B 3 -13.39 11.22 19.09
CA ARG B 3 -12.31 10.23 18.82
C ARG B 3 -11.14 10.36 19.80
N ARG B 4 -10.32 9.33 19.89
CA ARG B 4 -9.22 9.24 20.87
C ARG B 4 -8.04 10.05 20.34
N ARG B 5 -7.23 10.52 21.28
CA ARG B 5 -6.04 11.31 21.00
C ARG B 5 -4.87 10.33 20.81
N VAL B 6 -3.99 10.69 19.91
CA VAL B 6 -2.85 9.86 19.45
C VAL B 6 -1.58 10.62 19.73
N VAL B 7 -0.64 9.96 20.40
CA VAL B 7 0.66 10.61 20.72
C VAL B 7 1.77 9.71 20.17
N ILE B 8 2.95 10.29 20.10
CA ILE B 8 4.19 9.62 19.60
C ILE B 8 5.01 9.30 20.84
N THR B 9 5.33 8.05 21.04
CA THR B 9 6.03 7.59 22.25
C THR B 9 7.36 6.94 21.87
N GLY B 10 7.62 6.75 20.60
CA GLY B 10 8.93 6.20 20.20
C GLY B 10 9.23 6.53 18.75
N MET B 11 10.51 6.63 18.40
CA MET B 11 10.94 6.93 17.01
C MET B 11 12.20 6.15 16.70
N GLY B 12 12.38 5.84 15.43
CA GLY B 12 13.53 5.08 14.92
C GLY B 12 13.81 5.47 13.50
N MET B 13 15.06 5.35 13.07
CA MET B 13 15.47 5.97 11.79
C MET B 13 16.80 5.39 11.32
N LEU B 14 16.88 5.18 10.00
CA LEU B 14 18.15 5.07 9.25
C LEU B 14 18.11 6.20 8.22
N SER B 15 19.17 6.98 8.13
CA SER B 15 19.23 8.05 7.12
C SER B 15 20.65 8.21 6.63
N PRO B 16 20.82 8.98 5.54
CA PRO B 16 22.14 9.32 5.04
C PRO B 16 22.90 10.16 6.08
N LEU B 17 22.23 10.66 7.12
CA LEU B 17 22.91 11.44 8.21
C LEU B 17 23.20 10.58 9.45
N GLY B 18 22.70 9.34 9.53
CA GLY B 18 22.92 8.59 10.78
C GLY B 18 22.20 7.28 10.80
N LEU B 19 22.64 6.37 11.67
CA LEU B 19 22.01 5.06 11.87
C LEU B 19 20.98 5.09 13.01
N ASP B 20 20.65 6.25 13.56
CA ASP B 20 19.52 6.33 14.52
C ASP B 20 18.98 7.75 14.48
N VAL B 21 17.98 8.02 15.31
CA VAL B 21 17.36 9.36 15.35
C VAL B 21 18.33 10.41 15.90
N PRO B 22 18.99 10.23 17.08
N PRO B 22 18.95 10.25 17.10
CA PRO B 22 19.82 11.30 17.62
CA PRO B 22 19.82 11.31 17.62
C PRO B 22 20.99 11.66 16.71
C PRO B 22 21.03 11.66 16.73
N SER B 23 21.63 10.68 16.07
CA SER B 23 22.75 10.94 15.13
C SER B 23 22.21 11.70 13.89
N SER B 24 21.06 11.28 13.35
CA SER B 24 20.46 11.96 12.17
C SER B 24 20.12 13.40 12.52
N TRP B 25 19.49 13.59 13.66
CA TRP B 25 19.02 14.92 14.13
C TRP B 25 20.23 15.82 14.41
N GLU B 26 21.31 15.27 14.94
CA GLU B 26 22.53 16.07 15.18
C GLU B 26 23.05 16.59 13.84
N GLY B 27 23.04 15.76 12.80
CA GLY B 27 23.40 16.21 11.45
C GLY B 27 22.45 17.29 10.94
N ILE B 28 21.14 17.07 11.09
CA ILE B 28 20.11 18.01 10.61
C ILE B 28 20.45 19.39 11.21
N LEU B 29 20.59 19.47 12.52
CA LEU B 29 20.78 20.79 13.18
C LEU B 29 22.14 21.40 12.86
N ALA B 30 23.15 20.60 12.53
CA ALA B 30 24.48 21.10 12.10
C ALA B 30 24.50 21.53 10.63
N GLY B 31 23.46 21.29 9.84
CA GLY B 31 23.43 21.60 8.40
C GLY B 31 24.29 20.66 7.57
N ARG B 32 24.52 19.44 8.05
CA ARG B 32 25.43 18.46 7.43
C ARG B 32 24.70 17.83 6.24
N SER B 33 25.42 17.52 5.17
CA SER B 33 24.89 16.78 4.01
C SER B 33 25.17 15.29 4.14
N GLY B 34 24.23 14.45 3.74
CA GLY B 34 24.45 13.00 3.71
C GLY B 34 24.72 12.51 2.30
N ILE B 35 24.95 13.42 1.36
CA ILE B 35 24.98 13.06 -0.09
C ILE B 35 26.44 12.87 -0.51
N ALA B 36 26.71 11.84 -1.28
CA ALA B 36 28.06 11.54 -1.79
C ALA B 36 27.93 10.64 -3.00
N PRO B 37 29.01 10.52 -3.81
CA PRO B 37 28.98 9.57 -4.92
C PRO B 37 28.68 8.17 -4.38
N ILE B 38 27.83 7.44 -5.11
CA ILE B 38 27.35 6.08 -4.75
C ILE B 38 28.55 5.17 -4.96
N GLU B 39 28.81 4.28 -4.00
CA GLU B 39 30.00 3.40 -4.02
C GLU B 39 29.63 1.97 -4.38
N HIS B 40 28.38 1.58 -4.18
CA HIS B 40 28.02 0.14 -4.21
C HIS B 40 27.76 -0.36 -5.64
N MET B 41 27.93 0.47 -6.68
CA MET B 41 27.77 0.01 -8.09
C MET B 41 28.46 0.94 -9.09
N ASP B 42 28.61 0.48 -10.35
CA ASP B 42 29.27 1.23 -11.46
C ASP B 42 28.24 2.11 -12.15
N LEU B 43 28.36 3.41 -11.96
CA LEU B 43 27.34 4.35 -12.48
C LEU B 43 27.88 5.12 -13.67
N SER B 44 28.92 4.63 -14.34
CA SER B 44 29.59 5.37 -15.43
CA SER B 44 29.59 5.32 -15.47
C SER B 44 28.57 5.77 -16.51
N ALA B 45 27.64 4.89 -16.87
CA ALA B 45 26.67 5.10 -17.96
C ALA B 45 25.47 5.95 -17.50
N TYR B 46 25.39 6.31 -16.21
CA TYR B 46 24.22 7.00 -15.61
C TYR B 46 24.48 8.50 -15.57
N SER B 47 23.44 9.33 -15.72
CA SER B 47 23.64 10.82 -15.72
C SER B 47 23.74 11.34 -14.28
N THR B 48 23.33 10.55 -13.29
CA THR B 48 23.48 10.90 -11.85
C THR B 48 24.32 9.80 -11.16
N ARG B 49 25.36 10.19 -10.43
CA ARG B 49 26.28 9.20 -9.81
C ARG B 49 26.34 9.32 -8.28
N PHE B 50 25.44 10.08 -7.68
CA PHE B 50 25.50 10.43 -6.24
C PHE B 50 24.08 10.29 -5.69
N GLY B 51 24.02 10.23 -4.38
CA GLY B 51 22.75 10.17 -3.63
C GLY B 51 23.02 9.98 -2.16
N GLY B 52 21.97 9.77 -1.37
CA GLY B 52 22.09 9.57 0.08
C GLY B 52 22.04 8.09 0.43
N SER B 53 23.19 7.48 0.65
CA SER B 53 23.31 6.06 1.06
C SER B 53 23.26 6.02 2.59
N VAL B 54 22.75 4.93 3.12
CA VAL B 54 22.89 4.61 4.57
C VAL B 54 24.28 4.02 4.75
N LYS B 55 25.12 4.66 5.57
CA LYS B 55 26.56 4.31 5.71
C LYS B 55 26.74 3.50 6.98
N GLY B 56 27.29 2.30 6.83
CA GLY B 56 27.73 1.48 7.97
C GLY B 56 26.59 0.72 8.63
N PHE B 57 25.51 0.41 7.92
CA PHE B 57 24.35 -0.31 8.50
C PHE B 57 24.77 -1.74 8.75
N ASN B 58 24.49 -2.22 9.95
CA ASN B 58 24.78 -3.60 10.36
C ASN B 58 23.47 -4.31 10.69
N VAL B 59 22.91 -5.04 9.71
CA VAL B 59 21.62 -5.73 9.89
C VAL B 59 21.71 -6.76 11.04
N GLU B 60 22.88 -7.33 11.32
CA GLU B 60 23.05 -8.36 12.37
C GLU B 60 22.83 -7.79 13.79
N GLU B 61 22.70 -6.47 13.95
CA GLU B 61 22.18 -5.87 15.21
C GLU B 61 20.70 -6.21 15.38
N TYR B 62 20.03 -6.63 14.31
CA TYR B 62 18.56 -6.74 14.32
C TYR B 62 18.18 -8.18 14.03
N LEU B 63 18.80 -8.81 13.02
CA LEU B 63 18.39 -10.12 12.50
C LEU B 63 19.63 -10.99 12.48
N SER B 64 19.43 -12.30 12.44
CA SER B 64 20.51 -13.24 12.06
C SER B 64 20.88 -12.99 10.60
N ALA B 65 22.14 -13.25 10.21
CA ALA B 65 22.59 -13.19 8.81
C ALA B 65 21.62 -13.99 7.93
N LYS B 66 21.23 -15.17 8.39
CA LYS B 66 20.36 -16.09 7.62
C LYS B 66 19.00 -15.41 7.35
N GLU B 67 18.39 -14.79 8.36
CA GLU B 67 17.08 -14.12 8.17
C GLU B 67 17.28 -12.91 7.24
N ALA B 68 18.36 -12.13 7.45
CA ALA B 68 18.63 -10.91 6.66
C ALA B 68 18.77 -11.28 5.17
N ARG B 69 19.39 -12.43 4.85
CA ARG B 69 19.62 -12.86 3.45
C ARG B 69 18.29 -13.09 2.75
N LYS B 70 17.22 -13.18 3.51
CA LYS B 70 15.87 -13.45 2.93
C LYS B 70 15.22 -12.15 2.51
N LEU B 71 15.74 -10.99 2.94
CA LEU B 71 15.01 -9.72 2.80
C LEU B 71 15.80 -8.69 1.97
N ASP B 72 15.06 -7.98 1.11
CA ASP B 72 15.60 -6.79 0.42
C ASP B 72 16.11 -5.81 1.50
N LEU B 73 17.03 -4.98 1.09
CA LEU B 73 17.53 -3.84 1.89
C LEU B 73 16.38 -2.96 2.38
N PHE B 74 15.40 -2.61 1.56
CA PHE B 74 14.35 -1.69 2.09
C PHE B 74 13.63 -2.35 3.28
N ILE B 75 13.43 -3.67 3.25
CA ILE B 75 12.78 -4.38 4.39
C ILE B 75 13.72 -4.36 5.58
N GLN B 76 15.02 -4.58 5.35
CA GLN B 76 16.02 -4.53 6.42
C GLN B 76 15.98 -3.15 7.07
N TYR B 77 15.88 -2.10 6.27
CA TYR B 77 15.92 -0.71 6.77
C TYR B 77 14.63 -0.45 7.56
N GLY B 78 13.51 -0.95 7.04
CA GLY B 78 12.19 -0.72 7.68
C GLY B 78 12.12 -1.43 9.03
N LEU B 79 12.70 -2.61 9.10
CA LEU B 79 12.72 -3.39 10.36
C LEU B 79 13.66 -2.68 11.35
N ALA B 80 14.85 -2.26 10.94
CA ALA B 80 15.78 -1.49 11.81
C ALA B 80 15.08 -0.30 12.47
N ALA B 81 14.47 0.58 11.68
CA ALA B 81 13.75 1.75 12.23
C ALA B 81 12.62 1.29 13.16
N SER B 82 11.86 0.25 12.80
CA SER B 82 10.71 -0.26 13.59
C SER B 82 11.19 -0.82 14.93
N PHE B 83 12.26 -1.59 14.95
CA PHE B 83 12.77 -2.16 16.21
C PHE B 83 13.32 -1.03 17.10
N GLN B 84 13.98 -0.06 16.50
CA GLN B 84 14.44 1.12 17.27
C GLN B 84 13.24 1.86 17.91
N ALA B 85 12.20 2.11 17.12
CA ALA B 85 11.03 2.88 17.57
C ALA B 85 10.32 2.15 18.72
N VAL B 86 10.12 0.84 18.60
CA VAL B 86 9.49 0.08 19.69
C VAL B 86 10.37 0.15 20.95
N ARG B 87 11.66 -0.10 20.80
CA ARG B 87 12.62 -0.04 21.93
C ARG B 87 12.56 1.36 22.58
N ASP B 88 12.55 2.41 21.78
CA ASP B 88 12.52 3.83 22.23
C ASP B 88 11.20 4.07 22.99
N SER B 89 10.13 3.38 22.62
CA SER B 89 8.79 3.59 23.25
C SER B 89 8.72 2.95 24.65
N GLY B 90 9.48 1.89 24.91
CA GLY B 90 9.42 1.11 26.15
C GLY B 90 8.19 0.20 26.22
N LEU B 91 7.46 0.08 25.12
CA LEU B 91 6.22 -0.73 25.06
C LEU B 91 6.58 -2.16 25.41
N GLU B 92 5.76 -2.77 26.27
CA GLU B 92 5.80 -4.23 26.51
C GLU B 92 4.57 -4.86 25.84
N VAL B 93 4.83 -5.72 24.87
CA VAL B 93 3.79 -6.56 24.20
C VAL B 93 3.47 -7.76 25.10
N THR B 94 2.19 -7.95 25.39
CA THR B 94 1.69 -9.04 26.23
C THR B 94 0.57 -9.82 25.54
N ASP B 95 0.17 -10.93 26.14
CA ASP B 95 -1.05 -11.67 25.69
C ASP B 95 -2.24 -10.75 25.86
N ALA B 96 -2.18 -9.79 26.79
CA ALA B 96 -3.34 -8.92 27.13
C ALA B 96 -3.48 -7.85 26.07
N ASN B 97 -2.42 -7.47 25.34
CA ASN B 97 -2.52 -6.29 24.45
C ASN B 97 -2.12 -6.59 23.00
N ARG B 98 -1.65 -7.79 22.67
CA ARG B 98 -0.98 -8.03 21.36
C ARG B 98 -1.99 -7.89 20.21
N GLU B 99 -3.30 -8.05 20.45
CA GLU B 99 -4.32 -7.86 19.37
C GLU B 99 -4.61 -6.37 19.20
N ARG B 100 -4.05 -5.52 20.06
CA ARG B 100 -4.34 -4.06 20.01
C ARG B 100 -3.13 -3.31 19.44
N ILE B 101 -2.10 -4.05 19.02
CA ILE B 101 -0.85 -3.43 18.50
C ILE B 101 -0.65 -3.92 17.08
N GLY B 102 -0.60 -2.97 16.15
CA GLY B 102 -0.41 -3.27 14.73
C GLY B 102 0.74 -2.50 14.11
N VAL B 103 0.81 -2.58 12.80
CA VAL B 103 1.96 -2.02 12.06
C VAL B 103 1.51 -1.64 10.65
N SER B 104 1.90 -0.43 10.27
CA SER B 104 1.71 0.12 8.91
C SER B 104 3.02 0.77 8.47
N MET B 105 3.91 -0.06 7.94
CA MET B 105 5.20 0.39 7.40
C MET B 105 5.11 0.22 5.89
N GLY B 106 5.38 1.28 5.13
CA GLY B 106 5.24 1.19 3.67
C GLY B 106 6.52 1.44 2.93
N SER B 107 6.38 1.50 1.62
CA SER B 107 7.47 1.82 0.70
C SER B 107 6.86 2.35 -0.60
N GLY B 108 7.56 3.27 -1.24
CA GLY B 108 7.20 3.85 -2.55
C GLY B 108 7.50 2.89 -3.69
N ILE B 109 8.70 2.32 -3.72
CA ILE B 109 9.22 1.53 -4.87
C ILE B 109 9.54 0.10 -4.45
N GLY B 110 9.73 -0.15 -3.16
CA GLY B 110 9.90 -1.53 -2.64
C GLY B 110 11.18 -2.16 -3.16
N GLY B 111 11.10 -3.42 -3.56
CA GLY B 111 12.28 -4.30 -3.63
C GLY B 111 13.01 -4.25 -4.97
N LEU B 112 13.33 -3.07 -5.46
CA LEU B 112 13.96 -2.88 -6.79
C LEU B 112 15.34 -3.53 -6.84
N THR B 113 16.17 -3.38 -5.80
CA THR B 113 17.51 -4.03 -5.77
C THR B 113 17.34 -5.55 -5.89
N ASN B 114 16.51 -6.16 -5.06
CA ASN B 114 16.31 -7.63 -5.07
C ASN B 114 15.76 -8.03 -6.44
N ILE B 115 14.87 -7.23 -7.02
CA ILE B 115 14.27 -7.63 -8.32
C ILE B 115 15.37 -7.60 -9.38
N GLU B 116 16.23 -6.60 -9.32
CA GLU B 116 17.38 -6.44 -10.23
C GLU B 116 18.29 -7.65 -10.12
N ASN B 117 18.63 -8.05 -8.90
CA ASN B 117 19.62 -9.12 -8.65
C ASN B 117 19.03 -10.41 -9.20
N ASN B 118 17.75 -10.65 -8.93
CA ASN B 118 17.07 -11.91 -9.32
C ASN B 118 16.93 -11.91 -10.85
N CYS B 119 16.71 -10.74 -11.43
CA CYS B 119 16.63 -10.64 -12.90
C CYS B 119 18.00 -10.92 -13.51
N ARG B 120 19.06 -10.40 -12.92
CA ARG B 120 20.42 -10.75 -13.41
C ARG B 120 20.52 -12.28 -13.47
N SER B 121 20.22 -12.97 -12.38
CA SER B 121 20.30 -14.45 -12.32
C SER B 121 19.43 -15.06 -13.42
N LEU B 122 18.18 -14.58 -13.57
CA LEU B 122 17.20 -15.11 -14.54
C LEU B 122 17.76 -14.99 -15.96
N PHE B 123 18.30 -13.82 -16.33
CA PHE B 123 18.76 -13.55 -17.72
C PHE B 123 20.06 -14.29 -18.00
N GLU B 124 20.91 -14.43 -16.99
CA GLU B 124 22.24 -15.05 -17.16
C GLU B 124 22.08 -16.57 -17.12
N GLN B 125 21.26 -17.15 -16.21
CA GLN B 125 21.27 -18.60 -15.91
C GLN B 125 19.88 -19.27 -16.02
N GLY B 126 18.81 -18.52 -16.15
CA GLY B 126 17.44 -19.07 -16.24
C GLY B 126 16.73 -19.05 -14.88
N PRO B 127 15.43 -19.40 -14.85
CA PRO B 127 14.61 -19.27 -13.64
C PRO B 127 14.98 -20.21 -12.47
N ARG B 128 15.75 -21.27 -12.72
CA ARG B 128 16.22 -22.19 -11.67
C ARG B 128 17.12 -21.42 -10.71
N ARG B 129 17.63 -20.24 -11.10
CA ARG B 129 18.54 -19.44 -10.24
C ARG B 129 17.80 -18.33 -9.49
N ILE B 130 16.50 -18.18 -9.66
CA ILE B 130 15.73 -17.21 -8.81
C ILE B 130 15.67 -17.71 -7.36
N SER B 131 15.89 -16.82 -6.39
CA SER B 131 15.83 -17.16 -4.95
C SER B 131 14.44 -17.64 -4.59
N PRO B 132 14.33 -18.71 -3.77
CA PRO B 132 13.06 -19.09 -3.17
C PRO B 132 12.39 -17.98 -2.36
N PHE B 133 13.18 -17.01 -1.88
CA PHE B 133 12.70 -15.92 -1.02
C PHE B 133 12.44 -14.65 -1.84
N PHE B 134 12.56 -14.75 -3.17
CA PHE B 134 12.37 -13.59 -4.06
C PHE B 134 11.03 -12.90 -3.73
N VAL B 135 9.94 -13.64 -3.75
CA VAL B 135 8.59 -13.01 -3.56
C VAL B 135 8.46 -12.52 -2.13
N PRO B 136 8.52 -13.40 -1.08
CA PRO B 136 8.29 -12.91 0.26
C PRO B 136 9.36 -11.90 0.70
N GLY B 137 10.59 -11.96 0.15
CA GLY B 137 11.68 -11.02 0.51
C GLY B 137 11.70 -9.75 -0.30
N SER B 138 10.74 -9.54 -1.20
CA SER B 138 10.74 -8.33 -2.06
C SER B 138 9.45 -7.51 -1.91
N ILE B 139 8.42 -8.08 -1.31
CA ILE B 139 7.07 -7.43 -1.34
C ILE B 139 7.02 -6.40 -0.23
N ILE B 140 6.27 -5.34 -0.46
CA ILE B 140 6.37 -4.12 0.39
C ILE B 140 5.79 -4.41 1.78
N ASN B 141 4.85 -5.34 1.94
CA ASN B 141 4.20 -5.56 3.24
C ASN B 141 5.08 -6.40 4.17
N MET B 142 6.29 -6.77 3.76
CA MET B 142 7.05 -7.72 4.57
C MET B 142 7.73 -7.00 5.73
N VAL B 143 7.83 -5.67 5.72
CA VAL B 143 8.27 -4.98 6.96
C VAL B 143 7.20 -5.20 8.02
N SER B 144 5.96 -4.83 7.71
CA SER B 144 4.84 -5.07 8.64
C SER B 144 4.76 -6.56 9.01
N GLY B 145 4.89 -7.46 8.02
CA GLY B 145 4.75 -8.91 8.27
C GLY B 145 5.87 -9.41 9.15
N PHE B 146 7.11 -9.11 8.83
CA PHE B 146 8.22 -9.63 9.65
C PHE B 146 8.16 -9.00 11.04
N LEU B 147 7.85 -7.70 11.12
CA LEU B 147 7.82 -7.01 12.43
C LEU B 147 6.76 -7.67 13.32
N SER B 148 5.60 -7.98 12.77
CA SER B 148 4.48 -8.58 13.54
C SER B 148 4.87 -9.99 14.00
N ILE B 149 5.54 -10.78 13.14
CA ILE B 149 6.01 -12.14 13.53
C ILE B 149 7.05 -11.99 14.65
N HIS B 150 8.03 -11.10 14.50
CA HIS B 150 9.14 -10.96 15.49
C HIS B 150 8.62 -10.52 16.87
N LEU B 151 7.66 -9.59 16.94
CA LEU B 151 7.18 -9.00 18.22
C LEU B 151 5.85 -9.61 18.65
N GLY B 152 5.24 -10.48 17.85
CA GLY B 152 3.94 -11.08 18.20
C GLY B 152 2.84 -10.03 18.17
N LEU B 153 2.85 -9.15 17.18
CA LEU B 153 1.80 -8.11 16.99
C LEU B 153 0.65 -8.74 16.22
N GLN B 154 -0.57 -8.67 16.75
CA GLN B 154 -1.72 -9.32 16.10
C GLN B 154 -2.75 -8.27 15.75
N GLY B 155 -2.46 -6.99 15.93
CA GLY B 155 -3.37 -5.94 15.46
C GLY B 155 -3.29 -5.75 13.95
N PRO B 156 -3.93 -4.67 13.46
CA PRO B 156 -3.96 -4.34 12.04
C PRO B 156 -2.58 -4.41 11.41
N ASN B 157 -2.49 -5.20 10.34
CA ASN B 157 -1.18 -5.50 9.72
C ASN B 157 -1.30 -5.15 8.25
N TYR B 158 -0.71 -4.05 7.85
CA TYR B 158 -0.85 -3.65 6.43
C TYR B 158 0.33 -2.79 6.01
N ALA B 159 0.36 -2.46 4.73
CA ALA B 159 1.34 -1.53 4.17
C ALA B 159 0.67 -0.64 3.13
N LEU B 160 1.07 0.62 3.16
CA LEU B 160 0.60 1.56 2.13
C LEU B 160 1.73 1.73 1.11
N THR B 161 1.37 2.14 -0.10
CA THR B 161 2.38 2.47 -1.11
C THR B 161 1.80 3.63 -1.89
N THR B 162 2.25 4.87 -1.59
CA THR B 162 1.73 6.09 -2.25
C THR B 162 2.94 6.89 -2.73
N ALA B 163 3.85 6.18 -3.37
CA ALA B 163 5.04 6.82 -3.96
C ALA B 163 5.71 7.68 -2.88
N GLN B 164 6.03 8.91 -3.19
CA GLN B 164 6.79 9.81 -2.29
C GLN B 164 5.90 10.28 -1.11
N THR B 165 4.63 9.86 -1.06
CA THR B 165 3.69 10.27 0.02
C THR B 165 3.61 9.18 1.07
N THR B 166 4.29 8.07 0.85
CA THR B 166 4.04 6.81 1.58
C THR B 166 4.18 6.99 3.09
N GLY B 167 5.30 7.57 3.55
CA GLY B 167 5.59 7.68 5.00
C GLY B 167 4.52 8.50 5.71
N THR B 168 4.11 9.58 5.07
CA THR B 168 3.07 10.49 5.61
C THR B 168 1.74 9.74 5.69
N HIS B 169 1.31 9.12 4.59
CA HIS B 169 0.03 8.39 4.62
C HIS B 169 0.07 7.27 5.66
N SER B 170 1.14 6.51 5.72
CA SER B 170 1.28 5.39 6.66
C SER B 170 1.01 5.87 8.08
N ILE B 171 1.68 6.94 8.47
CA ILE B 171 1.56 7.50 9.83
C ILE B 171 0.13 8.00 10.05
N GLY B 172 -0.42 8.74 9.11
CA GLY B 172 -1.78 9.27 9.29
C GLY B 172 -2.81 8.18 9.41
N MET B 173 -2.77 7.17 8.53
CA MET B 173 -3.83 6.14 8.54
C MET B 173 -3.69 5.29 9.80
N ALA B 174 -2.47 5.04 10.29
CA ALA B 174 -2.25 4.36 11.59
C ALA B 174 -2.83 5.22 12.72
N ALA B 175 -2.69 6.53 12.66
CA ALA B 175 -3.26 7.47 13.65
C ALA B 175 -4.79 7.35 13.63
N ARG B 176 -5.41 7.28 12.45
CA ARG B 176 -6.87 7.05 12.31
C ARG B 176 -7.24 5.71 12.98
N ASN B 177 -6.49 4.63 12.74
CA ASN B 177 -6.80 3.32 13.36
C ASN B 177 -6.94 3.49 14.87
N ILE B 178 -6.02 4.26 15.46
CA ILE B 178 -6.00 4.41 16.93
C ILE B 178 -7.16 5.31 17.34
N ALA B 179 -7.28 6.46 16.68
CA ALA B 179 -8.29 7.49 16.99
C ALA B 179 -9.66 6.84 17.05
N TYR B 180 -9.93 5.92 16.11
CA TYR B 180 -11.25 5.29 15.94
C TYR B 180 -11.35 3.93 16.62
N GLY B 181 -10.39 3.54 17.45
CA GLY B 181 -10.55 2.43 18.41
C GLY B 181 -10.22 1.06 17.83
N GLU B 182 -9.58 1.02 16.66
CA GLU B 182 -9.25 -0.25 15.98
C GLU B 182 -7.92 -0.80 16.50
N ALA B 183 -7.10 0.05 17.12
CA ALA B 183 -5.84 -0.36 17.73
C ALA B 183 -5.51 0.65 18.82
N ASP B 184 -4.66 0.27 19.75
CA ASP B 184 -4.18 1.22 20.80
C ASP B 184 -2.75 1.66 20.50
N VAL B 185 -2.00 0.86 19.74
CA VAL B 185 -0.58 1.18 19.38
C VAL B 185 -0.38 0.76 17.92
N MET B 186 0.29 1.60 17.15
CA MET B 186 0.69 1.25 15.77
C MET B 186 2.12 1.72 15.56
N VAL B 187 2.90 0.88 14.90
CA VAL B 187 4.24 1.22 14.38
C VAL B 187 4.04 1.60 12.92
N ALA B 188 4.39 2.81 12.57
CA ALA B 188 4.08 3.37 11.25
C ALA B 188 5.24 4.17 10.71
N GLY B 189 5.27 4.26 9.39
CA GLY B 189 6.31 4.98 8.65
C GLY B 189 6.65 4.32 7.35
N GLY B 190 7.93 4.26 7.00
CA GLY B 190 8.27 3.86 5.64
C GLY B 190 9.74 3.58 5.53
N SER B 191 10.08 2.90 4.46
CA SER B 191 11.48 2.58 4.13
C SER B 191 11.66 2.53 2.63
N GLU B 192 12.92 2.65 2.25
CA GLU B 192 13.26 2.75 0.83
C GLU B 192 14.75 2.49 0.63
N MET B 193 15.03 1.72 -0.39
CA MET B 193 16.38 1.49 -0.95
CA MET B 193 16.39 1.55 -0.95
C MET B 193 16.23 1.33 -2.46
N ALA B 194 16.20 2.44 -3.17
CA ALA B 194 15.94 2.52 -4.61
C ALA B 194 17.24 2.87 -5.38
N ALA B 195 18.41 2.89 -4.72
CA ALA B 195 19.70 3.15 -5.41
C ALA B 195 20.17 1.85 -6.07
N CYS B 196 19.44 1.37 -7.05
CA CYS B 196 19.93 0.34 -7.97
C CYS B 196 19.97 0.98 -9.35
N GLY B 197 20.33 0.18 -10.35
CA GLY B 197 20.33 0.61 -11.75
C GLY B 197 18.97 1.15 -12.09
N LEU B 198 17.91 0.44 -11.69
CA LEU B 198 16.51 0.75 -12.07
C LEU B 198 16.04 2.05 -11.39
N GLY B 199 16.42 2.29 -10.14
CA GLY B 199 16.04 3.52 -9.42
C GLY B 199 16.71 4.76 -10.02
N LEU B 200 18.04 4.77 -10.09
CA LEU B 200 18.80 5.92 -10.63
C LEU B 200 18.56 6.00 -12.14
N GLY B 201 18.49 4.86 -12.81
CA GLY B 201 18.13 4.78 -14.25
C GLY B 201 16.72 5.26 -14.52
N GLY B 202 15.74 4.82 -13.73
CA GLY B 202 14.32 5.12 -13.98
C GLY B 202 14.00 6.57 -13.70
N PHE B 203 14.43 7.08 -12.55
CA PHE B 203 14.23 8.50 -12.23
C PHE B 203 15.06 9.36 -13.19
N GLY B 204 16.26 8.93 -13.55
CA GLY B 204 17.12 9.60 -14.55
C GLY B 204 16.50 9.64 -15.94
N ALA B 205 15.86 8.55 -16.41
CA ALA B 205 15.17 8.50 -17.70
C ALA B 205 14.05 9.56 -17.73
N ALA B 206 13.42 9.83 -16.58
CA ALA B 206 12.37 10.87 -16.42
C ALA B 206 12.98 12.28 -16.27
N ARG B 207 14.29 12.39 -16.18
CA ARG B 207 15.03 13.67 -16.00
C ARG B 207 14.53 14.34 -14.72
N ALA B 208 14.30 13.54 -13.68
CA ALA B 208 13.76 13.98 -12.37
C ALA B 208 14.91 14.32 -11.42
N LEU B 209 16.10 13.76 -11.66
CA LEU B 209 17.25 13.86 -10.73
C LEU B 209 18.13 15.05 -11.07
N SER B 210 18.66 15.70 -10.03
CA SER B 210 19.84 16.55 -10.16
C SER B 210 20.97 15.74 -10.81
N THR B 211 21.64 16.37 -11.77
CA THR B 211 22.85 15.81 -12.38
C THR B 211 24.08 16.62 -11.94
N ARG B 212 24.08 17.25 -10.76
CA ARG B 212 25.25 18.04 -10.27
C ARG B 212 26.32 17.10 -9.69
N ASN B 213 26.91 16.25 -10.53
CA ASN B 213 27.85 15.16 -10.13
C ASN B 213 29.12 15.75 -9.51
N ASP B 214 29.46 16.96 -9.91
CA ASP B 214 30.71 17.64 -9.50
C ASP B 214 30.56 18.10 -8.04
N GLU B 215 29.35 18.36 -7.55
CA GLU B 215 29.16 18.88 -6.17
C GLU B 215 27.94 18.20 -5.51
N PRO B 216 28.01 16.89 -5.18
CA PRO B 216 26.83 16.19 -4.67
C PRO B 216 26.16 16.83 -3.45
N THR B 217 26.94 17.42 -2.53
CA THR B 217 26.41 18.02 -1.27
C THR B 217 25.68 19.32 -1.58
N ARG B 218 25.92 19.93 -2.75
CA ARG B 218 25.22 21.16 -3.20
C ARG B 218 24.03 20.85 -4.11
N ALA B 219 23.80 19.60 -4.49
CA ALA B 219 22.80 19.28 -5.54
C ALA B 219 21.38 19.58 -5.05
N SER B 220 21.03 19.09 -3.84
CA SER B 220 19.69 19.28 -3.22
C SER B 220 19.63 20.70 -2.68
N ARG B 221 18.91 21.57 -3.37
CA ARG B 221 18.94 23.01 -3.04
C ARG B 221 17.54 23.56 -3.22
N PRO B 222 16.59 23.11 -2.36
CA PRO B 222 15.20 23.51 -2.48
C PRO B 222 15.02 25.03 -2.50
N TRP B 223 14.22 25.51 -3.44
CA TRP B 223 13.81 26.93 -3.64
C TRP B 223 14.95 27.79 -4.17
N ASP B 224 16.14 27.23 -4.38
CA ASP B 224 17.31 27.95 -4.95
C ASP B 224 17.12 28.06 -6.47
N ARG B 225 17.54 29.17 -7.07
CA ARG B 225 17.32 29.43 -8.52
C ARG B 225 18.08 28.40 -9.38
N ASP B 226 19.10 27.72 -8.87
CA ASP B 226 19.97 26.80 -9.66
C ASP B 226 19.56 25.33 -9.43
N ARG B 227 18.44 25.06 -8.76
CA ARG B 227 18.01 23.66 -8.49
C ARG B 227 17.71 22.96 -9.83
N ASP B 228 17.91 21.65 -9.88
CA ASP B 228 17.78 20.91 -11.17
C ASP B 228 17.24 19.51 -10.91
N GLY B 229 16.42 19.31 -9.88
CA GLY B 229 15.81 17.99 -9.65
C GLY B 229 16.25 17.41 -8.31
N PHE B 230 15.65 16.30 -7.93
CA PHE B 230 15.84 15.78 -6.56
C PHE B 230 17.06 14.88 -6.53
N VAL B 231 17.43 14.54 -5.31
CA VAL B 231 18.58 13.68 -4.98
C VAL B 231 18.00 12.44 -4.31
N LEU B 232 18.36 11.30 -4.83
CA LEU B 232 17.73 10.01 -4.43
C LEU B 232 18.43 9.50 -3.18
N SER B 233 17.69 9.22 -2.13
CA SER B 233 18.28 8.77 -0.85
C SER B 233 17.53 7.55 -0.31
N ASP B 234 18.21 6.86 0.60
CA ASP B 234 17.84 5.56 1.17
C ASP B 234 17.61 5.76 2.66
N GLY B 235 16.75 4.93 3.21
CA GLY B 235 16.66 4.81 4.66
C GLY B 235 15.26 4.52 5.09
N SER B 236 14.96 4.88 6.33
CA SER B 236 13.68 4.48 6.97
C SER B 236 13.38 5.35 8.18
N GLY B 237 12.08 5.51 8.42
CA GLY B 237 11.59 6.15 9.65
C GLY B 237 10.42 5.35 10.16
N ALA B 238 10.35 5.15 11.47
CA ALA B 238 9.23 4.50 12.15
C ALA B 238 8.90 5.29 13.41
N LEU B 239 7.61 5.41 13.67
CA LEU B 239 7.09 6.05 14.88
C LEU B 239 6.21 5.03 15.58
N VAL B 240 6.28 5.03 16.90
CA VAL B 240 5.24 4.34 17.71
C VAL B 240 4.17 5.38 18.02
N LEU B 241 3.00 5.13 17.48
CA LEU B 241 1.80 5.95 17.74
C LEU B 241 1.03 5.22 18.81
N GLU B 242 0.44 5.96 19.73
CA GLU B 242 -0.15 5.34 20.93
C GLU B 242 -1.33 6.17 21.39
N GLU B 243 -2.42 5.49 21.70
CA GLU B 243 -3.59 6.18 22.29
C GLU B 243 -3.13 6.86 23.60
N LEU B 244 -3.61 8.06 23.86
CA LEU B 244 -3.10 8.94 24.95
C LEU B 244 -3.28 8.25 26.31
N GLU B 245 -4.46 7.72 26.62
CA GLU B 245 -4.75 7.08 27.93
C GLU B 245 -3.80 5.90 28.12
N HIS B 246 -3.57 5.11 27.08
CA HIS B 246 -2.65 3.95 27.07
C HIS B 246 -1.24 4.41 27.40
N ALA B 247 -0.76 5.46 26.76
CA ALA B 247 0.58 6.04 27.00
C ALA B 247 0.71 6.50 28.46
N ARG B 248 -0.26 7.26 28.97
CA ARG B 248 -0.24 7.79 30.37
C ARG B 248 -0.26 6.63 31.37
N ALA B 249 -1.09 5.62 31.13
CA ALA B 249 -1.27 4.50 32.06
C ALA B 249 0.06 3.82 32.32
N ARG B 250 0.92 3.67 31.31
CA ARG B 250 2.19 2.94 31.49
C ARG B 250 3.35 3.92 31.75
N GLY B 251 3.09 5.21 31.92
CA GLY B 251 4.15 6.23 32.15
C GLY B 251 5.04 6.47 30.94
N ALA B 252 4.53 6.27 29.72
CA ALA B 252 5.33 6.53 28.50
C ALA B 252 5.81 7.98 28.47
N ARG B 253 7.02 8.19 27.97
CA ARG B 253 7.56 9.50 27.54
C ARG B 253 6.87 9.85 26.21
N ILE B 254 6.19 11.00 26.18
CA ILE B 254 5.49 11.51 24.98
C ILE B 254 6.30 12.61 24.29
N TYR B 255 6.60 12.44 22.99
CA TYR B 255 7.36 13.46 22.23
C TYR B 255 6.43 14.62 21.82
N ALA B 256 5.24 14.31 21.36
CA ALA B 256 4.31 15.25 20.70
C ALA B 256 3.00 14.52 20.48
N GLU B 257 1.95 15.27 20.18
CA GLU B 257 0.64 14.72 19.82
C GLU B 257 0.46 14.84 18.31
N LEU B 258 -0.09 13.81 17.68
CA LEU B 258 -0.53 13.87 16.25
CA LEU B 258 -0.53 13.87 16.26
C LEU B 258 -2.01 14.28 16.25
N VAL B 259 -2.26 15.54 15.86
CA VAL B 259 -3.61 16.13 16.05
C VAL B 259 -4.34 16.17 14.72
N GLY B 260 -3.63 16.17 13.59
CA GLY B 260 -4.25 16.39 12.28
C GLY B 260 -3.60 15.58 11.18
N PHE B 261 -4.44 15.01 10.31
CA PHE B 261 -4.02 14.31 9.08
C PHE B 261 -4.96 14.71 7.92
N GLY B 262 -4.34 15.14 6.82
CA GLY B 262 -5.04 15.45 5.57
C GLY B 262 -4.52 14.59 4.44
N MET B 263 -5.42 14.28 3.52
CA MET B 263 -5.13 13.63 2.24
C MET B 263 -5.87 14.45 1.19
N SER B 264 -5.34 14.49 0.00
CA SER B 264 -6.06 14.97 -1.19
C SER B 264 -5.40 14.36 -2.39
N GLY B 265 -6.12 14.34 -3.51
CA GLY B 265 -5.56 14.13 -4.84
C GLY B 265 -5.54 15.44 -5.62
N ASP B 266 -4.45 15.69 -6.34
CA ASP B 266 -4.35 16.78 -7.36
C ASP B 266 -5.34 16.52 -8.50
N ALA B 267 -5.48 15.25 -8.89
CA ALA B 267 -6.19 14.84 -10.13
C ALA B 267 -5.68 15.70 -11.30
N PHE B 268 -4.36 15.89 -11.43
CA PHE B 268 -3.80 16.85 -12.40
C PHE B 268 -2.93 16.13 -13.42
N HIS B 269 -1.81 15.57 -12.99
CA HIS B 269 -0.79 15.00 -13.89
C HIS B 269 -0.07 13.91 -13.11
N MET B 270 0.52 12.97 -13.84
CA MET B 270 1.20 11.79 -13.25
C MET B 270 2.42 12.25 -12.43
N THR B 271 3.20 13.24 -12.86
CA THR B 271 4.54 13.51 -12.25
C THR B 271 4.80 15.00 -12.01
N ALA B 272 3.81 15.87 -12.17
CA ALA B 272 3.96 17.33 -12.00
C ALA B 272 2.75 17.80 -11.19
N PRO B 273 2.94 18.71 -10.20
CA PRO B 273 1.84 19.30 -9.48
C PRO B 273 1.21 20.44 -10.29
N PRO B 274 -0.01 20.87 -9.96
CA PRO B 274 -0.51 22.13 -10.52
C PRO B 274 0.40 23.27 -10.04
N GLU B 275 0.62 24.28 -10.87
CA GLU B 275 1.62 25.36 -10.63
C GLU B 275 1.28 26.10 -9.33
N ASP B 276 -0.01 26.19 -8.99
CA ASP B 276 -0.55 26.97 -7.85
C ASP B 276 -0.65 26.09 -6.60
N GLY B 277 -0.21 24.83 -6.68
CA GLY B 277 -0.26 23.84 -5.57
C GLY B 277 -1.64 23.70 -4.99
N ALA B 278 -2.69 23.74 -5.82
CA ALA B 278 -4.09 23.64 -5.36
C ALA B 278 -4.28 22.38 -4.51
N GLY B 279 -3.67 21.26 -4.88
CA GLY B 279 -3.90 19.97 -4.17
C GLY B 279 -3.21 19.95 -2.82
N ALA B 280 -1.99 20.46 -2.78
CA ALA B 280 -1.24 20.71 -1.52
C ALA B 280 -2.04 21.62 -0.57
N ALA B 281 -2.62 22.70 -1.10
CA ALA B 281 -3.45 23.65 -0.31
C ALA B 281 -4.62 22.91 0.28
N ARG B 282 -5.33 22.13 -0.55
CA ARG B 282 -6.53 21.43 -0.06
C ARG B 282 -6.10 20.46 1.05
N CYS B 283 -4.98 19.79 0.86
CA CYS B 283 -4.47 18.78 1.79
C CYS B 283 -4.13 19.45 3.13
N MET B 284 -3.40 20.55 3.09
CA MET B 284 -3.02 21.27 4.33
C MET B 284 -4.29 21.75 5.02
N LYS B 285 -5.24 22.30 4.29
CA LYS B 285 -6.51 22.76 4.92
C LYS B 285 -7.26 21.60 5.55
N ASN B 286 -7.37 20.47 4.84
CA ASN B 286 -7.97 19.25 5.42
C ASN B 286 -7.26 18.92 6.73
N ALA B 287 -5.92 18.97 6.79
CA ALA B 287 -5.14 18.59 7.99
C ALA B 287 -5.46 19.53 9.16
N LEU B 288 -5.56 20.83 8.87
CA LEU B 288 -5.81 21.86 9.91
C LEU B 288 -7.26 21.71 10.38
N ARG B 289 -8.20 21.47 9.49
CA ARG B 289 -9.63 21.24 9.87
C ARG B 289 -9.75 19.96 10.72
N ASP B 290 -8.99 18.94 10.37
CA ASP B 290 -8.96 17.67 11.12
C ASP B 290 -8.49 17.96 12.55
N ALA B 291 -7.49 18.81 12.71
CA ALA B 291 -6.91 19.15 14.02
C ALA B 291 -7.76 20.18 14.79
N GLY B 292 -8.75 20.82 14.16
CA GLY B 292 -9.47 21.94 14.80
C GLY B 292 -8.59 23.18 15.00
N LEU B 293 -7.60 23.39 14.14
CA LEU B 293 -6.64 24.52 14.23
C LEU B 293 -6.93 25.58 13.17
N ASP B 294 -6.72 26.84 13.55
CA ASP B 294 -6.60 28.01 12.65
C ASP B 294 -5.23 27.96 11.97
N PRO B 295 -5.11 28.24 10.67
CA PRO B 295 -3.79 28.33 10.04
C PRO B 295 -2.77 29.14 10.87
N ARG B 296 -3.24 30.16 11.59
CA ARG B 296 -2.36 31.07 12.38
C ARG B 296 -1.67 30.30 13.50
N GLN B 297 -2.13 29.10 13.87
CA GLN B 297 -1.51 28.35 14.99
C GLN B 297 -0.30 27.56 14.50
N VAL B 298 -0.06 27.47 13.19
CA VAL B 298 1.12 26.73 12.66
C VAL B 298 2.38 27.59 12.79
N ASP B 299 3.45 27.00 13.35
CA ASP B 299 4.73 27.71 13.60
C ASP B 299 5.83 27.21 12.65
N TYR B 300 5.78 25.93 12.29
CA TYR B 300 6.86 25.29 11.52
C TYR B 300 6.24 24.36 10.47
N ILE B 301 6.72 24.46 9.24
CA ILE B 301 6.34 23.50 8.16
C ILE B 301 7.62 22.79 7.72
N ASN B 302 7.63 21.48 7.82
CA ASN B 302 8.66 20.69 7.12
C ASN B 302 8.10 20.43 5.73
N ALA B 303 8.64 21.12 4.73
CA ALA B 303 8.16 21.09 3.34
C ALA B 303 8.43 19.71 2.77
N HIS B 304 7.68 19.33 1.74
CA HIS B 304 8.14 18.23 0.84
C HIS B 304 9.43 18.67 0.15
N GLY B 305 9.43 19.88 -0.42
CA GLY B 305 10.66 20.61 -0.83
C GLY B 305 11.72 19.74 -1.46
N THR B 306 11.46 19.18 -2.64
CA THR B 306 12.33 18.13 -3.24
C THR B 306 13.49 18.71 -4.06
N SER B 307 13.49 20.01 -4.36
CA SER B 307 14.55 20.66 -5.21
C SER B 307 14.21 20.52 -6.70
N THR B 308 12.93 20.39 -7.03
CA THR B 308 12.50 20.40 -8.45
C THR B 308 12.00 21.81 -8.74
N PRO B 309 12.21 22.31 -9.97
CA PRO B 309 11.67 23.62 -10.35
C PRO B 309 10.17 23.80 -10.04
N ALA B 310 9.31 22.94 -10.60
CA ALA B 310 7.86 23.18 -10.50
C ALA B 310 7.39 22.82 -9.09
N GLY B 311 7.94 21.77 -8.48
CA GLY B 311 7.42 21.27 -7.18
C GLY B 311 7.67 22.27 -6.07
N ASP B 312 8.88 22.81 -6.00
CA ASP B 312 9.24 23.75 -4.91
C ASP B 312 8.33 24.98 -4.96
N ILE B 313 8.10 25.55 -6.16
CA ILE B 313 7.27 26.78 -6.33
C ILE B 313 5.80 26.49 -6.00
N ALA B 314 5.25 25.37 -6.48
CA ALA B 314 3.88 24.97 -6.17
C ALA B 314 3.70 24.90 -4.64
N GLU B 315 4.66 24.39 -3.88
CA GLU B 315 4.52 24.30 -2.39
C GLU B 315 4.51 25.72 -1.77
N ILE B 316 5.34 26.65 -2.26
CA ILE B 316 5.28 28.09 -1.80
C ILE B 316 3.88 28.65 -2.09
N ALA B 317 3.36 28.45 -3.29
CA ALA B 317 2.02 28.96 -3.70
C ALA B 317 0.95 28.43 -2.73
N ALA B 318 1.02 27.13 -2.42
CA ALA B 318 0.04 26.45 -1.55
C ALA B 318 0.08 27.05 -0.14
N VAL B 319 1.28 27.20 0.43
CA VAL B 319 1.48 27.80 1.78
C VAL B 319 0.95 29.25 1.80
N LYS B 320 1.25 30.03 0.76
CA LYS B 320 0.72 31.43 0.66
C LYS B 320 -0.81 31.38 0.63
N SER B 321 -1.43 30.47 -0.12
CA SER B 321 -2.91 30.37 -0.22
CA SER B 321 -2.91 30.39 -0.22
C SER B 321 -3.51 29.95 1.12
N VAL B 322 -2.93 28.95 1.77
CA VAL B 322 -3.52 28.40 3.03
C VAL B 322 -3.37 29.42 4.17
N PHE B 323 -2.21 30.04 4.28
CA PHE B 323 -1.81 30.80 5.49
C PHE B 323 -1.92 32.32 5.30
N GLY B 324 -2.14 32.82 4.08
CA GLY B 324 -2.25 34.26 3.82
C GLY B 324 -1.14 35.01 4.55
N GLU B 325 -1.48 36.03 5.31
CA GLU B 325 -0.46 36.90 5.95
C GLU B 325 0.49 36.04 6.81
N HIS B 326 -0.05 35.06 7.51
CA HIS B 326 0.70 34.23 8.48
C HIS B 326 1.86 33.49 7.79
N ALA B 327 1.78 33.25 6.47
CA ALA B 327 2.84 32.60 5.66
C ALA B 327 4.21 33.23 5.92
N HIS B 328 4.27 34.51 6.30
CA HIS B 328 5.52 35.28 6.56
C HIS B 328 5.94 35.19 8.04
N ALA B 329 5.13 34.61 8.92
CA ALA B 329 5.40 34.47 10.37
C ALA B 329 5.91 33.05 10.68
N LEU B 330 5.36 32.02 10.02
CA LEU B 330 5.84 30.65 10.29
C LEU B 330 7.22 30.50 9.65
N SER B 331 7.94 29.47 10.06
CA SER B 331 9.20 29.03 9.42
C SER B 331 8.89 27.77 8.60
N MET B 332 9.42 27.68 7.39
CA MET B 332 9.28 26.48 6.53
C MET B 332 10.65 26.06 6.04
N SER B 333 11.05 24.84 6.28
CA SER B 333 12.31 24.33 5.70
C SER B 333 12.13 22.96 5.03
N SER B 334 13.09 22.65 4.19
CA SER B 334 13.22 21.33 3.58
C SER B 334 14.48 20.68 4.08
N THR B 335 14.31 19.63 4.87
CA THR B 335 15.44 18.80 5.32
C THR B 335 15.98 17.94 4.18
N LYS B 336 15.27 17.84 3.05
CA LYS B 336 15.81 17.14 1.87
C LYS B 336 17.04 17.87 1.36
N SER B 337 17.22 19.15 1.70
CA SER B 337 18.47 19.90 1.42
C SER B 337 19.69 19.13 1.94
N MET B 338 19.54 18.42 3.06
CA MET B 338 20.61 17.64 3.74
C MET B 338 20.48 16.14 3.47
N THR B 339 19.27 15.58 3.52
CA THR B 339 19.06 14.11 3.53
C THR B 339 18.89 13.59 2.11
N GLY B 340 18.57 14.47 1.18
CA GLY B 340 18.01 14.05 -0.12
C GLY B 340 16.61 13.52 0.09
N HIS B 341 16.10 12.89 -0.95
CA HIS B 341 14.69 12.47 -1.05
C HIS B 341 14.62 10.97 -0.83
N LEU B 342 14.12 10.55 0.35
CA LEU B 342 14.03 9.11 0.72
C LEU B 342 12.74 8.47 0.15
N LEU B 343 12.08 9.13 -0.82
CA LEU B 343 10.86 8.64 -1.51
C LEU B 343 9.80 8.21 -0.49
N GLY B 344 9.42 6.92 -0.45
CA GLY B 344 8.41 6.40 0.50
C GLY B 344 8.78 6.64 1.96
N ALA B 345 10.05 6.77 2.30
CA ALA B 345 10.48 7.01 3.71
C ALA B 345 10.62 8.51 3.97
N ALA B 346 10.53 9.40 2.97
CA ALA B 346 10.72 10.84 3.19
C ALA B 346 9.71 11.33 4.26
N GLY B 347 8.45 10.97 4.12
CA GLY B 347 7.40 11.42 5.06
C GLY B 347 7.64 10.92 6.46
N ALA B 348 8.24 9.74 6.58
CA ALA B 348 8.48 9.09 7.89
C ALA B 348 9.62 9.86 8.58
N VAL B 349 10.76 10.00 7.92
CA VAL B 349 11.89 10.73 8.56
C VAL B 349 11.49 12.18 8.80
N GLU B 350 10.65 12.79 7.97
CA GLU B 350 10.32 14.23 8.10
C GLU B 350 9.27 14.46 9.18
N ALA B 351 8.38 13.50 9.39
CA ALA B 351 7.53 13.44 10.61
C ALA B 351 8.43 13.46 11.86
N ILE B 352 9.44 12.60 11.91
CA ILE B 352 10.35 12.54 13.07
C ILE B 352 11.02 13.90 13.22
N PHE B 353 11.49 14.48 12.13
CA PHE B 353 12.20 15.79 12.24
C PHE B 353 11.21 16.87 12.71
N SER B 354 9.96 16.79 12.31
CA SER B 354 8.89 17.72 12.75
C SER B 354 8.63 17.55 14.26
N VAL B 355 8.52 16.29 14.71
CA VAL B 355 8.39 15.96 16.16
C VAL B 355 9.59 16.54 16.93
N LEU B 356 10.82 16.43 16.41
CA LEU B 356 12.02 16.91 17.14
C LEU B 356 12.12 18.43 17.09
N ALA B 357 11.61 19.09 16.04
CA ALA B 357 11.51 20.56 16.00
C ALA B 357 10.66 21.03 17.19
N LEU B 358 9.59 20.29 17.51
CA LEU B 358 8.70 20.59 18.66
C LEU B 358 9.44 20.33 19.97
N ARG B 359 10.11 19.19 20.08
CA ARG B 359 10.83 18.83 21.33
C ARG B 359 11.87 19.93 21.62
N ASP B 360 12.60 20.36 20.60
CA ASP B 360 13.84 21.14 20.80
C ASP B 360 13.63 22.61 20.49
N GLN B 361 12.45 23.00 20.00
CA GLN B 361 12.10 24.41 19.72
C GLN B 361 13.13 25.00 18.73
N VAL B 362 13.25 24.36 17.57
CA VAL B 362 14.30 24.74 16.59
C VAL B 362 13.83 24.29 15.21
N ALA B 363 13.84 25.24 14.28
CA ALA B 363 13.54 25.00 12.85
C ALA B 363 14.83 24.51 12.20
N PRO B 364 14.84 23.28 11.68
CA PRO B 364 15.96 22.81 10.89
C PRO B 364 16.19 23.72 9.68
N PRO B 365 17.44 23.81 9.18
CA PRO B 365 17.74 24.65 8.03
C PRO B 365 17.32 24.01 6.71
N THR B 366 17.12 24.87 5.71
CA THR B 366 17.27 24.55 4.28
C THR B 366 18.69 24.91 3.87
N ILE B 367 19.59 23.93 3.81
CA ILE B 367 20.97 24.25 3.35
C ILE B 367 20.94 24.48 1.84
N ASN B 368 21.99 25.14 1.33
CA ASN B 368 22.24 25.37 -0.12
C ASN B 368 21.26 26.41 -0.70
N LEU B 369 20.47 27.10 0.12
CA LEU B 369 19.49 28.09 -0.39
C LEU B 369 20.24 29.42 -0.55
N ASP B 370 21.13 29.48 -1.55
CA ASP B 370 22.09 30.59 -1.76
C ASP B 370 21.37 31.75 -2.45
N ASN B 371 20.49 31.46 -3.41
CA ASN B 371 19.77 32.47 -4.22
C ASN B 371 18.32 32.03 -4.37
N PRO B 372 17.46 32.39 -3.41
CA PRO B 372 16.05 32.04 -3.45
C PRO B 372 15.48 32.48 -4.80
N ASP B 373 14.67 31.63 -5.39
CA ASP B 373 14.05 31.88 -6.71
C ASP B 373 12.94 32.90 -6.55
N GLU B 374 12.47 33.46 -7.66
CA GLU B 374 11.33 34.41 -7.68
C GLU B 374 10.16 33.87 -6.86
N GLY B 375 9.66 34.68 -5.94
CA GLY B 375 8.47 34.43 -5.12
C GLY B 375 8.79 33.55 -3.92
N CYS B 376 10.04 33.15 -3.74
CA CYS B 376 10.44 32.23 -2.64
C CYS B 376 10.90 33.08 -1.47
N ASP B 377 9.99 33.90 -0.94
CA ASP B 377 10.31 35.07 -0.09
C ASP B 377 9.75 34.82 1.31
N LEU B 378 9.41 33.57 1.63
CA LEU B 378 9.03 33.17 3.01
C LEU B 378 10.30 32.96 3.84
N ASP B 379 10.10 32.70 5.12
CA ASP B 379 11.20 32.31 6.01
C ASP B 379 11.45 30.83 5.74
N LEU B 380 12.47 30.53 4.93
CA LEU B 380 12.79 29.16 4.48
C LEU B 380 13.99 28.64 5.27
N VAL B 381 14.36 29.34 6.34
CA VAL B 381 15.39 28.91 7.31
C VAL B 381 16.68 28.58 6.53
N ALA B 382 17.09 29.49 5.65
CA ALA B 382 18.30 29.33 4.81
C ALA B 382 19.55 29.09 5.68
N HIS B 383 20.31 28.03 5.38
CA HIS B 383 21.74 27.79 5.73
C HIS B 383 21.92 27.24 7.15
N GLU B 384 21.18 27.79 8.14
CA GLU B 384 21.42 27.51 9.58
C GLU B 384 20.10 27.30 10.35
N ALA B 385 20.14 26.36 11.29
CA ALA B 385 19.05 26.03 12.25
C ALA B 385 18.61 27.30 12.98
N LYS B 386 17.32 27.41 13.23
CA LYS B 386 16.78 28.64 13.84
C LYS B 386 16.01 28.28 15.10
N PRO B 387 16.57 28.55 16.30
CA PRO B 387 15.80 28.43 17.54
C PRO B 387 14.59 29.36 17.45
N ARG B 388 13.40 28.88 17.78
CA ARG B 388 12.16 29.70 17.70
C ARG B 388 11.07 28.94 18.43
N LYS B 389 9.97 29.64 18.73
CA LYS B 389 8.81 29.00 19.38
C LYS B 389 8.13 28.11 18.33
N ILE B 390 7.87 26.86 18.68
CA ILE B 390 7.09 25.94 17.79
C ILE B 390 6.09 25.20 18.67
N ASP B 391 4.81 25.58 18.62
CA ASP B 391 3.74 24.82 19.30
C ASP B 391 3.14 23.80 18.31
N VAL B 392 3.16 24.12 17.02
CA VAL B 392 2.45 23.30 15.99
C VAL B 392 3.40 23.21 14.79
N ALA B 393 3.65 21.99 14.33
CA ALA B 393 4.47 21.68 13.17
C ALA B 393 3.64 20.85 12.18
N LEU B 394 3.79 21.17 10.92
CA LEU B 394 3.13 20.51 9.77
C LEU B 394 4.20 19.83 8.94
N SER B 395 3.88 18.66 8.40
CA SER B 395 4.80 17.95 7.51
C SER B 395 4.04 17.56 6.25
N ASN B 396 4.52 17.99 5.09
CA ASN B 396 3.88 17.75 3.78
C ASN B 396 4.63 16.69 2.98
N SER B 397 3.88 15.80 2.33
CA SER B 397 4.44 14.94 1.27
C SER B 397 3.48 14.96 0.07
N PHE B 398 4.04 14.96 -1.14
CA PHE B 398 3.32 14.89 -2.43
C PHE B 398 3.99 13.79 -3.25
N GLY B 399 3.21 13.15 -4.10
CA GLY B 399 3.67 11.91 -4.75
C GLY B 399 3.18 11.86 -6.18
N PHE B 400 3.86 11.10 -6.99
CA PHE B 400 3.40 10.73 -8.34
C PHE B 400 1.92 10.33 -8.26
N GLY B 401 1.16 10.68 -9.28
CA GLY B 401 -0.30 10.50 -9.30
C GLY B 401 -1.00 11.65 -8.62
N GLY B 402 -0.28 12.62 -8.07
CA GLY B 402 -0.90 13.79 -7.44
C GLY B 402 -1.45 13.46 -6.08
N THR B 403 -0.84 12.49 -5.40
CA THR B 403 -1.35 12.06 -4.09
C THR B 403 -0.61 12.86 -3.02
N ASN B 404 -1.38 13.46 -2.13
CA ASN B 404 -0.84 14.43 -1.15
C ASN B 404 -1.20 13.94 0.26
N GLY B 405 -0.33 14.26 1.21
CA GLY B 405 -0.54 13.99 2.63
C GLY B 405 0.06 15.10 3.47
N THR B 406 -0.63 15.44 4.55
CA THR B 406 -0.15 16.43 5.55
C THR B 406 -0.43 15.87 6.96
N LEU B 407 0.58 16.00 7.81
CA LEU B 407 0.48 15.63 9.22
C LEU B 407 0.67 16.89 10.03
N VAL B 408 -0.14 17.03 11.05
CA VAL B 408 -0.03 18.15 12.02
C VAL B 408 0.23 17.56 13.40
N PHE B 409 1.32 18.02 14.00
CA PHE B 409 1.84 17.64 15.32
C PHE B 409 1.82 18.89 16.19
N ARG B 410 1.60 18.68 17.48
CA ARG B 410 1.54 19.75 18.50
C ARG B 410 2.33 19.32 19.72
N ARG B 411 2.96 20.28 20.40
CA ARG B 411 3.57 20.07 21.73
C ARG B 411 2.54 19.47 22.66
N PHE B 412 2.96 18.51 23.46
CA PHE B 412 2.02 17.81 24.37
C PHE B 412 2.26 18.29 25.82
N ALA B 413 1.26 18.91 26.45
CA ALA B 413 1.42 19.43 27.84
C ALA B 413 0.43 18.73 28.80
#